data_5CEB
#
_entry.id   5CEB
#
_cell.length_a   55.930
_cell.length_b   65.040
_cell.length_c   73.816
_cell.angle_alpha   63.890
_cell.angle_beta   83.270
_cell.angle_gamma   83.200
#
_symmetry.space_group_name_H-M   'P 1'
#
loop_
_entity.id
_entity.type
_entity.pdbx_description
1 polymer Bd3459
2 water water
#
_entity_poly.entity_id   1
_entity_poly.type   'polypeptide(L)'
_entity_poly.pdbx_seq_one_letter_code
;MKYSQCLKGEVVMIPALAKKILHVTVGTLLVSSAASMMVYLNSMCHMAANSKTQQIQGDDNKDDKFPLAAISKVVTTLWA
VDRLGPDYRFKTKLHVTPTANGSYDIHIEGSRDPLFGRNMSYFLISELNRMKITKIEKLTFDENFLLAWLAEEKPMIGGT
TPKYDTVEQQASIVRATLTSSFATAISPGYYTILKTKAARIGVQMSNRPKIDVRTISFVKKAEFQKNEKSTTMVLMSAPL
KTILKRMNNQSNNYIADNLYWNLGGTEAFNAYIAGKMQADTSDIEFHNGSGNNEGSVAKPVYNEATCEMMIKVLYSLDKS
LSAKGYDLSDVMAVAAKDKASTVGSYGGVMAGSTTAKTGSVNKAKTLMGSVSTKNGEIYFAVLMHTDYDKSRSDWGVASQ
QIKNKVSQLINQNGGPKAIKYTEQLPLPFDKYSYLTKANTITTEKK
;
_entity_poly.pdbx_strand_id   A,B
#
# COMPACT_ATOMS: atom_id res chain seq x y z
N MET A 38 28.18 -28.49 -21.68
CA MET A 38 27.43 -29.60 -20.98
C MET A 38 26.30 -28.90 -20.19
N VAL A 39 25.10 -28.96 -20.73
CA VAL A 39 23.89 -28.51 -20.06
C VAL A 39 23.11 -29.76 -19.64
N TYR A 40 22.79 -29.84 -18.36
CA TYR A 40 21.86 -30.85 -17.84
C TYR A 40 21.23 -30.38 -16.52
N LEU A 41 20.09 -30.95 -16.22
CA LEU A 41 19.37 -30.64 -14.97
C LEU A 41 20.16 -31.13 -13.77
N ASN A 42 20.34 -30.28 -12.79
CA ASN A 42 20.83 -30.76 -11.48
C ASN A 42 19.62 -31.16 -10.66
N SER A 43 18.67 -30.24 -10.48
CA SER A 43 17.47 -30.51 -9.69
C SER A 43 16.37 -29.57 -10.00
N MET A 44 15.16 -30.09 -9.93
CA MET A 44 13.95 -29.27 -10.01
C MET A 44 13.03 -29.74 -8.92
N CYS A 45 12.44 -28.75 -8.22
CA CYS A 45 11.49 -29.04 -7.16
C CYS A 45 10.42 -27.93 -7.10
N HIS A 46 9.32 -28.24 -6.46
CA HIS A 46 8.24 -27.27 -6.29
C HIS A 46 7.42 -27.58 -5.07
N MET A 47 6.56 -26.65 -4.68
CA MET A 47 5.51 -26.90 -3.72
C MET A 47 4.39 -25.92 -3.93
N ALA A 48 3.17 -26.40 -3.88
CA ALA A 48 1.99 -25.54 -3.90
C ALA A 48 1.95 -24.66 -2.62
N ALA A 49 1.72 -23.37 -2.79
CA ALA A 49 1.55 -22.44 -1.67
C ALA A 49 0.53 -22.88 -0.62
N ASN A 50 -0.53 -23.54 -1.08
CA ASN A 50 -1.61 -24.07 -0.24
C ASN A 50 -1.44 -25.51 0.26
N SER A 51 -0.21 -26.03 0.30
CA SER A 51 -0.01 -27.45 0.68
C SER A 51 -0.28 -27.62 2.16
N LYS A 52 -1.11 -28.60 2.47
CA LYS A 52 -1.40 -28.96 3.87
C LYS A 52 -0.30 -29.87 4.43
N THR A 53 0.26 -30.75 3.60
CA THR A 53 1.40 -31.57 4.00
C THR A 53 2.69 -30.72 4.17
N GLN A 54 2.82 -29.61 3.43
CA GLN A 54 4.07 -28.84 3.33
C GLN A 54 5.28 -29.70 2.91
N GLN A 55 5.04 -30.71 2.11
CA GLN A 55 6.12 -31.58 1.65
C GLN A 55 6.53 -31.06 0.29
N ILE A 56 7.83 -30.84 0.15
CA ILE A 56 8.36 -30.40 -1.10
C ILE A 56 8.46 -31.54 -2.07
N GLN A 57 8.02 -31.27 -3.30
CA GLN A 57 7.95 -32.27 -4.35
C GLN A 57 9.10 -32.01 -5.28
N GLY A 58 9.69 -33.06 -5.82
CA GLY A 58 10.80 -32.90 -6.74
C GLY A 58 11.52 -34.17 -7.04
N ASP A 59 12.51 -34.05 -7.92
CA ASP A 59 13.32 -35.19 -8.29
C ASP A 59 14.24 -35.60 -7.14
N ASP A 60 15.01 -36.66 -7.39
CA ASP A 60 15.79 -37.28 -6.34
C ASP A 60 17.01 -36.49 -5.97
N ASN A 61 17.34 -35.43 -6.72
CA ASN A 61 18.46 -34.59 -6.37
C ASN A 61 18.04 -33.37 -5.58
N LYS A 62 16.77 -33.27 -5.16
CA LYS A 62 16.31 -32.01 -4.50
C LYS A 62 16.90 -31.73 -3.11
N ASP A 63 17.57 -32.71 -2.50
CA ASP A 63 18.29 -32.50 -1.26
C ASP A 63 19.84 -32.56 -1.42
N ASP A 64 20.38 -32.31 -2.61
CA ASP A 64 21.85 -32.24 -2.82
C ASP A 64 22.18 -30.76 -3.14
N LYS A 65 23.34 -30.31 -2.70
CA LYS A 65 23.73 -28.92 -2.89
C LYS A 65 24.28 -28.67 -4.30
N PHE A 66 23.90 -27.55 -4.89
CA PHE A 66 24.38 -27.15 -6.20
C PHE A 66 24.63 -25.63 -6.19
N PRO A 67 25.47 -25.13 -7.10
CA PRO A 67 25.62 -23.69 -7.22
C PRO A 67 24.31 -22.97 -7.56
N LEU A 68 24.12 -21.84 -6.89
CA LEU A 68 22.90 -21.06 -7.01
C LEU A 68 23.03 -19.88 -7.93
N ALA A 69 24.23 -19.32 -8.04
CA ALA A 69 24.42 -18.04 -8.71
C ALA A 69 23.50 -17.01 -8.06
N ALA A 70 22.96 -16.05 -8.81
CA ALA A 70 22.18 -14.93 -8.24
C ALA A 70 20.81 -15.21 -7.64
N ILE A 71 20.34 -16.46 -7.66
CA ILE A 71 19.16 -16.76 -6.81
C ILE A 71 19.56 -16.69 -5.34
N SER A 72 20.86 -16.69 -5.08
CA SER A 72 21.33 -16.32 -3.78
C SER A 72 20.77 -15.01 -3.28
N LYS A 73 20.55 -14.04 -4.18
CA LYS A 73 20.05 -12.75 -3.80
C LYS A 73 18.70 -12.84 -3.14
N VAL A 74 17.92 -13.89 -3.46
CA VAL A 74 16.62 -14.09 -2.84
C VAL A 74 16.79 -14.56 -1.36
N VAL A 75 17.83 -15.29 -1.09
CA VAL A 75 18.12 -15.72 0.30
C VAL A 75 18.58 -14.50 1.13
N THR A 76 19.43 -13.69 0.52
CA THR A 76 19.84 -12.41 1.10
C THR A 76 18.65 -11.46 1.37
N THR A 77 17.71 -11.49 0.46
CA THR A 77 16.46 -10.76 0.56
C THR A 77 15.67 -11.17 1.78
N LEU A 78 15.47 -12.48 1.92
CA LEU A 78 14.79 -13.05 3.08
C LEU A 78 15.44 -12.55 4.38
N TRP A 79 16.76 -12.70 4.45
CA TRP A 79 17.49 -12.25 5.68
C TRP A 79 17.25 -10.81 6.00
N ALA A 80 17.35 -9.96 4.96
CA ALA A 80 17.18 -8.54 5.14
C ALA A 80 15.77 -8.21 5.64
N VAL A 81 14.76 -8.79 4.99
CA VAL A 81 13.35 -8.60 5.40
C VAL A 81 13.13 -8.96 6.83
N ASP A 82 13.63 -10.12 7.21
CA ASP A 82 13.47 -10.55 8.60
C ASP A 82 14.20 -9.65 9.57
N ARG A 83 15.42 -9.26 9.23
CA ARG A 83 16.27 -8.51 10.20
C ARG A 83 15.86 -7.04 10.33
N LEU A 84 15.51 -6.43 9.19
CA LEU A 84 15.25 -4.99 9.07
C LEU A 84 13.77 -4.61 8.93
N GLY A 85 13.00 -5.47 8.27
CA GLY A 85 11.62 -5.19 7.86
C GLY A 85 11.54 -4.57 6.48
N PRO A 86 10.51 -4.94 5.66
CA PRO A 86 10.40 -4.36 4.32
C PRO A 86 10.22 -2.82 4.21
N ASP A 87 9.77 -2.15 5.29
CA ASP A 87 9.62 -0.71 5.30
C ASP A 87 10.80 0.03 5.92
N TYR A 88 11.88 -0.67 6.20
CA TYR A 88 13.04 -0.08 6.80
C TYR A 88 13.67 0.97 5.85
N ARG A 89 14.11 2.11 6.36
CA ARG A 89 14.82 3.08 5.51
C ARG A 89 16.22 3.35 6.07
N PHE A 90 17.18 3.51 5.18
CA PHE A 90 18.56 3.86 5.57
C PHE A 90 18.67 5.36 5.70
N LYS A 91 19.11 5.81 6.87
CA LYS A 91 19.03 7.23 7.25
C LYS A 91 20.40 7.87 7.16
N THR A 92 20.76 8.37 6.01
CA THR A 92 22.07 9.00 5.83
C THR A 92 21.96 10.42 6.36
N LYS A 93 22.93 10.85 7.17
CA LYS A 93 22.89 12.18 7.80
C LYS A 93 23.97 13.08 7.21
N LEU A 94 23.59 14.33 6.94
CA LEU A 94 24.51 15.33 6.47
C LEU A 94 24.62 16.33 7.60
N HIS A 95 25.84 16.60 8.05
CA HIS A 95 26.09 17.65 9.05
C HIS A 95 26.66 18.85 8.29
N VAL A 96 25.93 19.95 8.33
CA VAL A 96 26.15 21.07 7.45
C VAL A 96 26.48 22.32 8.27
N THR A 97 27.67 22.89 8.01
CA THR A 97 28.16 24.05 8.70
C THR A 97 28.53 25.13 7.69
N PRO A 98 27.90 26.34 7.81
CA PRO A 98 28.33 27.55 7.07
C PRO A 98 29.78 27.95 7.29
N THR A 99 30.46 28.39 6.23
CA THR A 99 31.82 28.91 6.35
C THR A 99 31.77 30.43 6.22
N ALA A 100 32.79 31.08 6.78
CA ALA A 100 32.96 32.55 6.70
C ALA A 100 32.86 33.10 5.25
N ASN A 101 33.35 32.30 4.29
CA ASN A 101 33.16 32.53 2.84
C ASN A 101 31.75 32.97 2.44
N GLY A 102 30.76 32.17 2.83
CA GLY A 102 29.44 32.13 2.21
C GLY A 102 29.00 30.71 1.81
N SER A 103 29.95 29.77 1.86
CA SER A 103 29.84 28.38 1.42
C SER A 103 29.58 27.45 2.62
N TYR A 104 29.75 26.12 2.42
CA TYR A 104 29.48 25.12 3.46
C TYR A 104 30.56 24.03 3.58
N ASP A 105 30.78 23.56 4.80
CA ASP A 105 31.43 22.29 5.04
C ASP A 105 30.31 21.29 5.33
N ILE A 106 30.50 20.07 4.88
CA ILE A 106 29.51 19.00 5.03
C ILE A 106 30.17 17.68 5.36
N HIS A 107 29.71 17.03 6.43
CA HIS A 107 30.17 15.74 6.83
C HIS A 107 28.99 14.77 6.64
N ILE A 108 29.27 13.69 5.93
CA ILE A 108 28.28 12.65 5.70
C ILE A 108 28.47 11.53 6.74
N GLU A 109 27.48 11.35 7.60
CA GLU A 109 27.44 10.27 8.55
C GLU A 109 26.62 9.18 7.88
N GLY A 110 27.27 8.12 7.41
CA GLY A 110 26.62 7.15 6.52
C GLY A 110 25.74 6.22 7.34
N SER A 111 24.85 5.55 6.66
CA SER A 111 23.94 4.55 7.26
C SER A 111 24.17 3.17 6.65
N ARG A 112 25.23 2.97 5.88
CA ARG A 112 25.48 1.72 5.14
C ARG A 112 24.36 1.33 4.15
N ASP A 113 23.71 2.36 3.63
CA ASP A 113 22.74 2.20 2.54
C ASP A 113 23.50 1.48 1.41
N PRO A 114 23.06 0.25 1.04
CA PRO A 114 23.74 -0.51 0.02
C PRO A 114 23.34 -0.12 -1.41
N LEU A 115 22.47 0.88 -1.57
CA LEU A 115 22.11 1.39 -2.84
C LEU A 115 22.28 2.88 -2.88
N PHE A 116 23.50 3.33 -2.74
CA PHE A 116 23.80 4.73 -2.90
C PHE A 116 24.70 4.87 -4.12
N GLY A 117 24.07 5.03 -5.26
CA GLY A 117 24.75 4.98 -6.54
C GLY A 117 24.52 6.26 -7.29
N ARG A 118 24.56 6.16 -8.60
CA ARG A 118 24.50 7.30 -9.42
C ARG A 118 23.16 8.04 -9.25
N ASN A 119 22.05 7.27 -9.19
CA ASN A 119 20.74 7.87 -9.09
C ASN A 119 20.60 8.63 -7.80
N MET A 120 21.02 8.00 -6.73
CA MET A 120 20.92 8.60 -5.45
C MET A 120 21.84 9.82 -5.28
N SER A 121 22.99 9.79 -5.92
CA SER A 121 23.95 10.92 -5.91
C SER A 121 23.41 12.11 -6.65
N TYR A 122 22.81 11.84 -7.80
CA TYR A 122 22.08 12.85 -8.56
C TYR A 122 20.96 13.47 -7.79
N PHE A 123 20.22 12.67 -7.04
CA PHE A 123 19.15 13.18 -6.19
C PHE A 123 19.68 14.02 -5.01
N LEU A 124 20.81 13.58 -4.43
CA LEU A 124 21.46 14.36 -3.35
C LEU A 124 21.85 15.74 -3.86
N ILE A 125 22.40 15.77 -5.05
CA ILE A 125 22.85 17.03 -5.62
C ILE A 125 21.64 17.92 -5.85
N SER A 126 20.60 17.34 -6.46
CA SER A 126 19.33 18.06 -6.62
C SER A 126 18.83 18.67 -5.28
N GLU A 127 18.92 17.87 -4.23
CA GLU A 127 18.46 18.27 -2.93
C GLU A 127 19.31 19.37 -2.31
N LEU A 128 20.63 19.26 -2.43
CA LEU A 128 21.54 20.31 -1.98
C LEU A 128 21.19 21.64 -2.67
N ASN A 129 20.98 21.61 -3.99
CA ASN A 129 20.57 22.83 -4.72
C ASN A 129 19.21 23.36 -4.24
N ARG A 130 18.25 22.48 -3.93
CA ARG A 130 16.96 22.88 -3.34
C ARG A 130 17.15 23.53 -1.95
N MET A 131 18.15 23.08 -1.19
CA MET A 131 18.51 23.69 0.08
C MET A 131 19.46 24.90 -0.06
N LYS A 132 19.63 25.43 -1.27
CA LYS A 132 20.57 26.51 -1.56
C LYS A 132 22.05 26.22 -1.30
N ILE A 133 22.47 24.99 -1.42
CA ILE A 133 23.88 24.68 -1.33
C ILE A 133 24.33 24.34 -2.75
N THR A 134 25.26 25.14 -3.29
CA THR A 134 25.92 24.90 -4.59
C THR A 134 27.45 24.74 -4.50
N LYS A 135 28.02 25.15 -3.39
CA LYS A 135 29.46 25.15 -3.20
C LYS A 135 29.74 24.53 -1.84
N ILE A 136 30.64 23.57 -1.82
CA ILE A 136 31.07 22.94 -0.60
C ILE A 136 32.58 23.17 -0.51
N GLU A 137 33.06 23.58 0.65
CA GLU A 137 34.50 23.65 0.89
C GLU A 137 35.00 22.22 1.21
N LYS A 138 34.86 21.78 2.45
CA LYS A 138 35.30 20.44 2.87
C LYS A 138 34.10 19.53 2.89
N LEU A 139 34.13 18.54 2.01
CA LEU A 139 33.21 17.42 2.11
C LEU A 139 33.97 16.28 2.82
N THR A 140 33.38 15.77 3.90
CA THR A 140 33.93 14.63 4.59
C THR A 140 32.86 13.55 4.72
N PHE A 141 33.30 12.32 4.97
CA PHE A 141 32.39 11.19 5.06
C PHE A 141 33.04 10.13 5.94
N ASP A 142 32.21 9.38 6.66
CA ASP A 142 32.69 8.33 7.53
C ASP A 142 32.68 6.94 6.90
N GLU A 143 33.10 5.96 7.70
CA GLU A 143 33.20 4.59 7.24
C GLU A 143 31.87 3.92 6.85
N ASN A 144 30.73 4.49 7.25
CA ASN A 144 29.43 3.90 6.93
C ASN A 144 28.81 4.47 5.70
N PHE A 145 29.51 5.42 5.06
CA PHE A 145 29.02 5.99 3.83
C PHE A 145 29.51 5.08 2.68
N LEU A 146 28.64 4.24 2.17
CA LEU A 146 28.96 3.33 1.08
C LEU A 146 28.48 3.94 -0.28
N LEU A 147 29.23 3.72 -1.34
CA LEU A 147 28.91 4.29 -2.62
C LEU A 147 29.09 3.28 -3.74
N ALA A 148 28.03 3.04 -4.48
CA ALA A 148 28.06 2.06 -5.51
C ALA A 148 28.55 2.75 -6.81
N TRP A 149 29.85 2.70 -7.13
CA TRP A 149 30.26 3.03 -8.53
C TRP A 149 29.96 1.82 -9.42
N LEU A 150 29.72 0.69 -8.77
CA LEU A 150 29.56 -0.60 -9.39
C LEU A 150 28.05 -0.90 -9.40
N ASP A 165 39.09 -6.26 2.44
CA ASP A 165 40.23 -5.35 2.58
C ASP A 165 40.23 -4.73 4.00
N THR A 166 40.13 -3.39 4.13
CA THR A 166 40.16 -2.67 5.43
C THR A 166 39.54 -1.25 5.33
N VAL A 167 39.32 -0.63 6.49
CA VAL A 167 38.51 0.59 6.67
C VAL A 167 39.10 1.82 5.94
N GLU A 168 40.38 2.12 6.19
CA GLU A 168 41.06 3.16 5.43
C GLU A 168 41.03 2.89 3.94
N GLN A 169 41.28 1.66 3.54
CA GLN A 169 41.41 1.32 2.13
C GLN A 169 40.05 1.31 1.46
N GLN A 170 39.00 0.89 2.18
CA GLN A 170 37.63 0.95 1.63
C GLN A 170 37.23 2.41 1.42
N ALA A 171 37.54 3.24 2.42
CA ALA A 171 37.20 4.64 2.38
C ALA A 171 37.96 5.39 1.28
N SER A 172 39.20 4.99 1.03
CA SER A 172 39.98 5.48 -0.13
C SER A 172 39.25 5.33 -1.47
N ILE A 173 38.58 4.22 -1.65
CA ILE A 173 37.88 3.90 -2.91
C ILE A 173 36.61 4.75 -3.03
N VAL A 174 35.89 4.89 -1.94
CA VAL A 174 34.70 5.77 -1.88
C VAL A 174 35.14 7.23 -2.16
N ARG A 175 36.23 7.68 -1.56
CA ARG A 175 36.71 9.05 -1.78
C ARG A 175 37.01 9.26 -3.25
N ALA A 176 37.80 8.37 -3.83
CA ALA A 176 38.15 8.42 -5.26
C ALA A 176 36.89 8.56 -6.12
N THR A 177 35.94 7.67 -5.89
CA THR A 177 34.66 7.66 -6.61
C THR A 177 33.85 8.95 -6.44
N LEU A 178 33.81 9.43 -5.21
CA LEU A 178 33.13 10.69 -4.91
C LEU A 178 33.76 11.87 -5.68
N THR A 179 35.09 11.93 -5.68
CA THR A 179 35.83 13.04 -6.24
C THR A 179 35.69 13.13 -7.75
N SER A 180 35.71 11.99 -8.44
CA SER A 180 35.40 11.92 -9.87
C SER A 180 33.96 12.37 -10.10
N SER A 181 33.02 11.69 -9.45
CA SER A 181 31.56 11.97 -9.59
C SER A 181 31.13 13.42 -9.34
N PHE A 182 31.58 14.05 -8.26
CA PHE A 182 31.15 15.45 -7.94
C PHE A 182 31.91 16.53 -8.72
N ALA A 183 33.03 16.15 -9.31
CA ALA A 183 33.82 17.04 -10.16
C ALA A 183 33.44 16.95 -11.65
N THR A 184 32.37 16.18 -11.98
CA THR A 184 31.93 16.01 -13.34
C THR A 184 30.56 16.61 -13.50
N ALA A 185 30.34 17.38 -14.57
CA ALA A 185 29.03 17.88 -14.88
C ALA A 185 28.05 16.69 -14.91
N ILE A 186 26.87 16.92 -14.38
CA ILE A 186 25.80 15.95 -14.43
C ILE A 186 25.38 15.86 -15.89
N SER A 187 25.15 14.64 -16.35
CA SER A 187 24.87 14.40 -17.76
C SER A 187 23.38 14.75 -17.96
N PRO A 188 23.06 15.68 -18.87
CA PRO A 188 21.65 16.04 -19.04
C PRO A 188 20.72 14.91 -19.49
N GLY A 189 21.19 14.03 -20.39
CA GLY A 189 20.35 12.92 -20.83
C GLY A 189 20.05 11.99 -19.68
N TYR A 190 21.06 11.56 -18.98
CA TYR A 190 20.79 10.64 -17.84
C TYR A 190 19.94 11.28 -16.73
N TYR A 191 20.27 12.52 -16.35
CA TYR A 191 19.42 13.24 -15.42
C TYR A 191 18.00 13.48 -15.85
N THR A 192 17.82 13.83 -17.11
CA THR A 192 16.46 14.04 -17.62
C THR A 192 15.60 12.76 -17.51
N ILE A 193 16.15 11.61 -17.85
CA ILE A 193 15.42 10.37 -17.77
C ILE A 193 15.10 10.10 -16.30
N LEU A 194 16.06 10.38 -15.43
CA LEU A 194 15.89 10.12 -14.00
C LEU A 194 14.82 11.04 -13.38
N LYS A 195 14.88 12.33 -13.72
CA LYS A 195 13.90 13.32 -13.28
C LYS A 195 12.45 12.93 -13.73
N THR A 196 12.34 12.33 -14.91
CA THR A 196 11.06 11.92 -15.45
C THR A 196 10.53 10.70 -14.68
N LYS A 197 11.40 9.75 -14.36
CA LYS A 197 11.00 8.62 -13.53
C LYS A 197 10.57 9.05 -12.13
N ALA A 198 11.34 9.95 -11.52
CA ALA A 198 11.03 10.52 -10.22
C ALA A 198 9.68 11.21 -10.21
N ALA A 199 9.40 12.05 -11.21
CA ALA A 199 8.07 12.70 -11.29
C ALA A 199 6.93 11.69 -11.32
N ARG A 200 7.16 10.51 -11.89
CA ARG A 200 6.13 9.44 -11.88
C ARG A 200 5.78 8.93 -10.49
N ILE A 201 6.71 9.03 -9.55
CA ILE A 201 6.40 8.66 -8.18
C ILE A 201 6.28 9.90 -7.34
N GLY A 202 5.99 11.02 -8.00
CA GLY A 202 5.72 12.27 -7.34
C GLY A 202 6.91 12.83 -6.59
N VAL A 203 8.13 12.67 -7.12
CA VAL A 203 9.33 13.27 -6.49
C VAL A 203 9.82 14.39 -7.40
N GLN A 204 10.04 15.57 -6.81
CA GLN A 204 10.44 16.75 -7.53
C GLN A 204 11.96 16.79 -7.48
N MET A 205 12.59 17.18 -8.57
CA MET A 205 14.04 17.29 -8.66
C MET A 205 14.39 18.62 -9.32
N SER A 206 15.58 19.11 -9.02
CA SER A 206 15.97 20.46 -9.43
C SER A 206 16.31 20.46 -10.91
N ASN A 207 16.26 21.64 -11.49
CA ASN A 207 16.64 21.83 -12.90
C ASN A 207 18.14 22.00 -12.99
N ARG A 208 18.76 21.29 -13.93
CA ARG A 208 20.19 21.41 -14.18
C ARG A 208 21.05 21.65 -12.91
N PRO A 209 21.00 20.67 -12.02
CA PRO A 209 21.69 20.91 -10.79
C PRO A 209 23.17 20.78 -10.95
N LYS A 210 23.86 21.39 -10.00
CA LYS A 210 25.31 21.32 -10.01
C LYS A 210 25.89 21.52 -8.61
N ILE A 211 27.15 21.11 -8.50
CA ILE A 211 27.90 21.23 -7.26
C ILE A 211 29.40 21.44 -7.57
N ASP A 212 30.03 22.23 -6.73
CA ASP A 212 31.47 22.46 -6.80
C ASP A 212 32.04 22.16 -5.42
N VAL A 213 32.98 21.23 -5.33
CA VAL A 213 33.52 20.74 -4.03
C VAL A 213 35.03 21.00 -4.05
N ARG A 214 35.54 21.72 -3.06
CA ARG A 214 37.01 22.01 -3.01
C ARG A 214 37.81 20.75 -2.66
N THR A 215 37.47 20.13 -1.53
CA THR A 215 38.13 18.92 -1.08
C THR A 215 37.17 17.82 -0.55
N ILE A 216 37.54 16.56 -0.78
CA ILE A 216 36.78 15.41 -0.30
C ILE A 216 37.67 14.49 0.49
N SER A 217 37.36 14.33 1.78
CA SER A 217 38.18 13.50 2.66
C SER A 217 37.44 12.47 3.49
N PHE A 218 38.19 11.44 3.90
CA PHE A 218 37.74 10.41 4.89
C PHE A 218 37.92 10.84 6.34
N VAL A 219 36.81 10.95 7.09
CA VAL A 219 36.87 11.28 8.50
C VAL A 219 36.07 10.23 9.24
N LYS A 220 36.75 9.44 10.08
CA LYS A 220 36.09 8.38 10.85
C LYS A 220 35.06 8.89 11.79
N LYS A 221 34.03 8.07 12.03
CA LYS A 221 32.98 8.40 12.98
C LYS A 221 33.54 8.82 14.34
N ALA A 222 34.51 8.07 14.84
CA ALA A 222 35.09 8.38 16.14
C ALA A 222 35.82 9.72 16.19
N GLU A 223 36.36 10.17 15.07
CA GLU A 223 37.14 11.41 15.01
C GLU A 223 36.38 12.63 14.48
N PHE A 224 35.13 12.41 14.05
CA PHE A 224 34.25 13.50 13.69
C PHE A 224 33.80 14.27 14.95
N GLN A 225 34.09 15.57 14.95
CA GLN A 225 33.59 16.45 16.00
C GLN A 225 32.56 17.35 15.37
N LYS A 226 31.33 17.17 15.83
CA LYS A 226 30.21 17.90 15.29
C LYS A 226 30.33 19.36 15.74
N ASN A 227 30.44 20.25 14.76
CA ASN A 227 30.50 21.68 15.02
C ASN A 227 29.22 22.18 15.74
N GLU A 228 29.44 23.12 16.65
CA GLU A 228 28.41 23.75 17.46
C GLU A 228 27.32 24.41 16.62
N LYS A 229 27.67 24.99 15.49
CA LYS A 229 26.66 25.62 14.61
C LYS A 229 26.46 24.83 13.31
N SER A 230 26.62 23.52 13.40
CA SER A 230 26.13 22.63 12.34
C SER A 230 24.64 22.53 12.45
N THR A 231 24.01 22.37 11.29
CA THR A 231 22.69 21.77 11.21
C THR A 231 22.85 20.29 10.78
N THR A 232 21.89 19.45 11.18
CA THR A 232 21.86 18.02 10.80
C THR A 232 20.66 17.80 9.91
N MET A 233 20.89 17.27 8.70
CA MET A 233 19.82 16.93 7.79
C MET A 233 19.86 15.43 7.47
N VAL A 234 18.68 14.84 7.31
CA VAL A 234 18.55 13.41 7.04
C VAL A 234 18.12 13.23 5.60
N LEU A 235 18.72 12.27 4.93
CA LEU A 235 18.37 11.88 3.59
C LEU A 235 18.03 10.39 3.70
N MET A 236 16.74 10.08 3.82
CA MET A 236 16.33 8.66 3.97
C MET A 236 16.27 8.00 2.62
N SER A 237 16.71 6.75 2.54
CA SER A 237 16.46 5.93 1.40
C SER A 237 15.00 5.66 1.20
N ALA A 238 14.70 5.12 0.02
CA ALA A 238 13.45 4.43 -0.23
C ALA A 238 13.36 3.25 0.73
N PRO A 239 12.16 2.69 0.89
CA PRO A 239 12.11 1.49 1.71
C PRO A 239 12.90 0.31 1.21
N LEU A 240 13.26 -0.57 2.16
CA LEU A 240 14.07 -1.70 1.85
C LEU A 240 13.45 -2.52 0.74
N LYS A 241 12.13 -2.71 0.74
CA LYS A 241 11.47 -3.56 -0.26
C LYS A 241 11.85 -3.07 -1.68
N THR A 242 11.90 -1.76 -1.85
CA THR A 242 12.30 -1.10 -3.10
C THR A 242 13.76 -1.35 -3.47
N ILE A 243 14.64 -1.25 -2.50
CA ILE A 243 16.08 -1.59 -2.70
C ILE A 243 16.23 -3.07 -3.16
N LEU A 244 15.50 -3.97 -2.48
CA LEU A 244 15.49 -5.39 -2.84
C LEU A 244 14.91 -5.63 -4.24
N LYS A 245 13.86 -4.91 -4.57
CA LYS A 245 13.28 -4.94 -5.92
C LYS A 245 14.32 -4.66 -7.00
N ARG A 246 15.06 -3.59 -6.76
CA ARG A 246 16.11 -3.19 -7.66
C ARG A 246 17.15 -4.26 -7.73
N MET A 247 17.62 -4.73 -6.60
CA MET A 247 18.63 -5.77 -6.58
C MET A 247 18.23 -7.04 -7.38
N ASN A 248 17.00 -7.47 -7.20
CA ASN A 248 16.55 -8.76 -7.77
C ASN A 248 16.03 -8.61 -9.19
N ASN A 249 15.76 -7.39 -9.63
CA ASN A 249 15.46 -7.16 -11.10
C ASN A 249 16.70 -7.53 -11.90
N GLN A 250 17.82 -6.86 -11.58
CA GLN A 250 19.12 -7.07 -12.24
C GLN A 250 20.19 -6.24 -11.54
N SER A 251 21.26 -6.88 -11.14
CA SER A 251 22.30 -6.11 -10.46
C SER A 251 23.60 -6.81 -10.64
N ASN A 252 24.69 -6.08 -10.45
CA ASN A 252 25.96 -6.78 -10.18
C ASN A 252 25.96 -7.25 -8.74
N ASN A 253 27.13 -7.61 -8.21
CA ASN A 253 27.21 -8.18 -6.87
C ASN A 253 27.03 -7.21 -5.72
N TYR A 254 27.05 -5.91 -6.04
CA TYR A 254 27.32 -4.87 -5.05
C TYR A 254 26.28 -4.78 -3.95
N ILE A 255 25.02 -4.66 -4.32
CA ILE A 255 23.94 -4.55 -3.33
C ILE A 255 23.87 -5.76 -2.45
N ALA A 256 23.78 -6.97 -3.06
CA ALA A 256 23.64 -8.20 -2.26
C ALA A 256 24.80 -8.43 -1.29
N ASP A 257 26.03 -8.36 -1.82
CA ASP A 257 27.23 -8.41 -1.03
C ASP A 257 27.29 -7.43 0.17
N ASN A 258 26.90 -6.17 -0.02
CA ASN A 258 26.86 -5.18 1.07
C ASN A 258 25.78 -5.42 2.08
N LEU A 259 24.64 -5.93 1.64
CA LEU A 259 23.58 -6.35 2.58
C LEU A 259 24.09 -7.49 3.47
N TYR A 260 24.68 -8.50 2.82
CA TYR A 260 25.20 -9.66 3.49
C TYR A 260 26.25 -9.27 4.55
N TRP A 261 27.18 -8.41 4.16
CA TRP A 261 28.15 -7.87 5.15
C TRP A 261 27.49 -7.00 6.22
N ASN A 262 26.54 -6.14 5.84
CA ASN A 262 25.88 -5.27 6.81
C ASN A 262 25.29 -6.10 7.90
N LEU A 263 24.69 -7.23 7.54
CA LEU A 263 24.00 -8.06 8.50
C LEU A 263 24.89 -8.99 9.33
N GLY A 264 26.20 -8.94 9.11
CA GLY A 264 27.14 -9.68 9.93
C GLY A 264 27.91 -10.71 9.16
N GLY A 265 27.75 -10.80 7.85
CA GLY A 265 28.47 -11.81 7.06
C GLY A 265 28.22 -13.27 7.46
N THR A 266 29.14 -14.13 7.09
CA THR A 266 28.86 -15.58 7.07
C THR A 266 28.52 -16.15 8.43
N GLU A 267 29.23 -15.71 9.46
CA GLU A 267 28.99 -16.23 10.82
C GLU A 267 27.60 -15.86 11.30
N ALA A 268 27.15 -14.65 10.96
CA ALA A 268 25.78 -14.25 11.30
C ALA A 268 24.79 -14.99 10.44
N PHE A 269 25.08 -15.13 9.15
CA PHE A 269 24.17 -15.83 8.22
C PHE A 269 23.88 -17.28 8.70
N ASN A 270 24.94 -18.02 8.98
CA ASN A 270 24.79 -19.44 9.50
C ASN A 270 24.01 -19.52 10.81
N ALA A 271 24.11 -18.50 11.67
CA ALA A 271 23.27 -18.51 12.90
C ALA A 271 21.82 -18.19 12.57
N TYR A 272 21.60 -17.26 11.63
CA TYR A 272 20.25 -16.98 11.17
C TYR A 272 19.55 -18.20 10.55
N ILE A 273 20.25 -18.87 9.67
CA ILE A 273 19.66 -19.97 8.95
C ILE A 273 19.35 -21.17 9.89
N ALA A 274 20.24 -21.40 10.84
CA ALA A 274 19.98 -22.39 11.87
C ALA A 274 18.74 -22.06 12.71
N GLY A 275 18.58 -20.78 13.07
CA GLY A 275 17.42 -20.32 13.84
C GLY A 275 16.14 -20.33 13.00
N LYS A 276 16.22 -19.86 11.77
CA LYS A 276 15.05 -19.80 10.90
C LYS A 276 14.60 -21.15 10.38
N MET A 277 15.55 -21.95 9.93
CA MET A 277 15.25 -23.12 9.10
C MET A 277 15.61 -24.42 9.76
N GLN A 278 16.29 -24.40 10.90
CA GLN A 278 16.91 -25.62 11.48
C GLN A 278 17.86 -26.27 10.48
N ALA A 279 18.55 -25.42 9.74
CA ALA A 279 19.39 -25.81 8.64
C ALA A 279 20.84 -25.56 9.01
N ASP A 280 21.71 -26.25 8.32
CA ASP A 280 23.14 -25.96 8.53
C ASP A 280 23.82 -25.89 7.17
N THR A 281 25.13 -26.05 7.16
CA THR A 281 25.92 -25.91 5.96
C THR A 281 25.77 -27.05 4.96
N SER A 282 25.24 -28.19 5.36
CA SER A 282 24.84 -29.29 4.42
C SER A 282 23.55 -28.97 3.64
N ASP A 283 22.75 -28.01 4.12
CA ASP A 283 21.61 -27.50 3.36
C ASP A 283 21.97 -26.30 2.49
N ILE A 284 22.84 -25.40 3.02
CA ILE A 284 23.03 -24.10 2.39
C ILE A 284 24.35 -23.49 2.90
N GLU A 285 25.27 -23.16 1.98
CA GLU A 285 26.62 -22.73 2.33
C GLU A 285 26.87 -21.48 1.56
N PHE A 286 26.86 -20.34 2.26
CA PHE A 286 27.12 -19.05 1.64
C PHE A 286 28.52 -18.53 1.98
N HIS A 287 29.08 -17.83 0.99
CA HIS A 287 30.29 -17.07 1.09
C HIS A 287 30.09 -15.60 0.85
N ASN A 288 29.02 -15.20 0.19
CA ASN A 288 28.73 -13.81 -0.05
C ASN A 288 27.22 -13.68 -0.24
N GLY A 289 26.72 -12.47 -0.47
CA GLY A 289 25.28 -12.25 -0.67
C GLY A 289 24.80 -12.49 -2.10
N SER A 290 25.70 -12.50 -3.07
CA SER A 290 25.34 -12.43 -4.45
C SER A 290 25.33 -13.73 -5.25
N GLY A 291 26.14 -14.71 -4.79
CA GLY A 291 26.38 -15.98 -5.50
C GLY A 291 27.51 -16.04 -6.52
N ASN A 292 28.20 -14.92 -6.72
CA ASN A 292 29.34 -14.89 -7.61
C ASN A 292 30.51 -15.71 -7.05
N ASN A 293 31.38 -16.07 -8.00
CA ASN A 293 32.54 -16.87 -7.78
C ASN A 293 33.49 -16.14 -6.79
N GLU A 294 33.82 -16.80 -5.69
CA GLU A 294 34.81 -16.31 -4.71
C GLU A 294 36.18 -17.00 -4.90
N GLY A 295 36.28 -17.93 -5.86
CA GLY A 295 37.54 -18.56 -6.24
C GLY A 295 38.08 -18.11 -7.60
N SER A 296 38.72 -19.05 -8.30
CA SER A 296 39.23 -18.84 -9.63
C SER A 296 38.32 -19.55 -10.62
N VAL A 297 38.60 -19.40 -11.91
CA VAL A 297 37.79 -20.06 -12.92
C VAL A 297 37.95 -21.59 -12.83
N ALA A 298 39.20 -22.05 -12.67
CA ALA A 298 39.52 -23.50 -12.55
C ALA A 298 39.06 -24.14 -11.22
N LYS A 299 39.22 -23.43 -10.09
CA LYS A 299 38.73 -23.90 -8.78
C LYS A 299 37.69 -22.92 -8.23
N PRO A 300 36.48 -22.97 -8.78
CA PRO A 300 35.50 -21.96 -8.35
C PRO A 300 34.96 -22.24 -6.95
N VAL A 301 34.49 -21.19 -6.30
CA VAL A 301 33.84 -21.31 -5.02
C VAL A 301 32.57 -20.50 -5.12
N TYR A 302 31.46 -21.21 -5.13
CA TYR A 302 30.12 -20.67 -5.29
C TYR A 302 29.23 -20.93 -4.07
N ASN A 303 28.38 -19.98 -3.69
CA ASN A 303 27.24 -20.31 -2.82
C ASN A 303 26.49 -21.49 -3.37
N GLU A 304 26.09 -22.36 -2.47
CA GLU A 304 25.37 -23.61 -2.84
C GLU A 304 24.28 -23.93 -1.84
N ALA A 305 23.21 -24.53 -2.34
CA ALA A 305 22.14 -24.97 -1.52
C ALA A 305 21.35 -26.05 -2.27
N THR A 306 20.51 -26.74 -1.50
CA THR A 306 19.56 -27.71 -2.08
C THR A 306 18.38 -26.99 -2.71
N CYS A 307 17.78 -27.66 -3.67
CA CYS A 307 16.51 -27.21 -4.27
C CYS A 307 15.43 -27.02 -3.19
N GLU A 308 15.32 -27.99 -2.25
CA GLU A 308 14.38 -27.85 -1.11
C GLU A 308 14.58 -26.56 -0.31
N MET A 309 15.84 -26.22 -0.05
CA MET A 309 16.11 -25.00 0.71
C MET A 309 15.62 -23.77 -0.01
N MET A 310 15.67 -23.80 -1.33
CA MET A 310 15.21 -22.68 -2.11
C MET A 310 13.72 -22.53 -1.97
N ILE A 311 12.99 -23.64 -1.97
CA ILE A 311 11.57 -23.58 -1.72
C ILE A 311 11.23 -23.06 -0.31
N LYS A 312 11.92 -23.56 0.72
CA LYS A 312 11.75 -23.09 2.09
C LYS A 312 12.00 -21.56 2.20
N VAL A 313 13.03 -21.08 1.52
CA VAL A 313 13.28 -19.62 1.42
C VAL A 313 12.07 -18.87 0.84
N LEU A 314 11.60 -19.33 -0.29
CA LEU A 314 10.43 -18.70 -0.95
C LEU A 314 9.17 -18.67 -0.10
N TYR A 315 8.92 -19.79 0.60
CA TYR A 315 7.83 -19.91 1.49
C TYR A 315 7.96 -18.87 2.61
N SER A 316 9.12 -18.79 3.20
CA SER A 316 9.37 -17.96 4.38
C SER A 316 9.31 -16.48 4.02
N LEU A 317 9.88 -16.17 2.86
CA LEU A 317 9.88 -14.84 2.34
C LEU A 317 8.46 -14.42 2.10
N ASP A 318 7.70 -15.28 1.43
CA ASP A 318 6.29 -14.98 1.17
C ASP A 318 5.55 -14.73 2.49
N LYS A 319 5.84 -15.54 3.50
CA LYS A 319 5.18 -15.37 4.75
C LYS A 319 5.58 -14.05 5.46
N SER A 320 6.88 -13.77 5.54
CA SER A 320 7.33 -12.53 6.16
C SER A 320 6.78 -11.27 5.44
N LEU A 321 6.70 -11.30 4.12
CA LEU A 321 6.14 -10.21 3.38
C LEU A 321 4.63 -10.03 3.65
N SER A 322 3.89 -11.13 3.66
CA SER A 322 2.42 -11.09 3.84
C SER A 322 2.01 -10.53 5.18
N ALA A 323 2.80 -10.85 6.19
CA ALA A 323 2.67 -10.24 7.52
C ALA A 323 2.65 -8.73 7.49
N LYS A 324 3.34 -8.12 6.53
CA LYS A 324 3.33 -6.67 6.34
C LYS A 324 2.51 -6.20 5.19
N GLY A 325 1.71 -7.08 4.58
CA GLY A 325 0.84 -6.72 3.46
C GLY A 325 1.46 -6.73 2.09
N TYR A 326 2.61 -7.38 1.91
CA TYR A 326 3.38 -7.29 0.67
C TYR A 326 3.44 -8.66 0.03
N ASP A 327 3.74 -8.65 -1.26
CA ASP A 327 3.87 -9.87 -2.03
C ASP A 327 5.24 -10.03 -2.57
N LEU A 328 5.50 -11.21 -3.12
CA LEU A 328 6.79 -11.54 -3.65
C LEU A 328 7.11 -10.54 -4.71
N SER A 329 6.10 -10.14 -5.48
CA SER A 329 6.34 -9.22 -6.57
C SER A 329 6.74 -7.76 -6.11
N ASP A 330 6.68 -7.48 -4.78
CA ASP A 330 7.24 -6.26 -4.18
C ASP A 330 8.77 -6.29 -4.08
N VAL A 331 9.36 -7.48 -4.12
CA VAL A 331 10.85 -7.58 -4.02
C VAL A 331 11.54 -8.40 -5.10
N MET A 332 10.75 -9.05 -5.94
CA MET A 332 11.29 -9.96 -6.99
C MET A 332 10.62 -9.56 -8.32
N ALA A 333 11.30 -9.89 -9.43
CA ALA A 333 10.88 -9.49 -10.78
C ALA A 333 9.67 -10.31 -11.27
N VAL A 334 8.81 -9.65 -12.04
CA VAL A 334 7.65 -10.23 -12.66
C VAL A 334 7.91 -10.41 -14.16
N ALA A 335 7.79 -11.66 -14.62
CA ALA A 335 8.08 -11.99 -16.01
C ALA A 335 7.22 -11.16 -16.92
N ALA A 336 7.85 -10.60 -17.94
CA ALA A 336 7.23 -9.73 -18.94
C ALA A 336 6.88 -8.31 -18.50
N LYS A 337 6.66 -8.09 -17.20
CA LYS A 337 6.13 -6.81 -16.70
C LYS A 337 7.28 -5.92 -16.25
N ASP A 338 8.28 -6.47 -15.54
CA ASP A 338 9.46 -5.74 -15.12
C ASP A 338 10.54 -5.69 -16.25
N LYS A 339 10.42 -4.65 -17.09
CA LYS A 339 11.29 -4.50 -18.29
C LYS A 339 12.80 -4.28 -18.01
N ALA A 340 13.17 -3.69 -16.90
CA ALA A 340 14.58 -3.55 -16.58
C ALA A 340 15.19 -4.86 -15.89
N SER A 341 14.41 -5.93 -15.79
CA SER A 341 14.88 -7.10 -15.14
C SER A 341 15.34 -8.11 -16.16
N THR A 342 15.98 -9.13 -15.63
CA THR A 342 16.43 -10.25 -16.42
C THR A 342 15.26 -11.13 -16.94
N VAL A 343 14.04 -10.96 -16.44
CA VAL A 343 12.88 -11.69 -16.95
C VAL A 343 11.89 -10.81 -17.72
N GLY A 344 12.29 -9.58 -18.04
CA GLY A 344 11.40 -8.65 -18.73
C GLY A 344 10.98 -9.05 -20.12
N SER A 345 11.79 -9.85 -20.79
CA SER A 345 11.50 -10.35 -22.13
C SER A 345 10.99 -11.81 -22.13
N TYR A 346 10.68 -12.37 -20.96
CA TYR A 346 10.05 -13.64 -20.88
C TYR A 346 8.62 -13.43 -21.43
N GLY A 347 8.20 -14.36 -22.26
CA GLY A 347 6.89 -14.37 -22.91
C GLY A 347 6.28 -15.72 -22.58
N GLY A 348 5.42 -16.18 -23.45
CA GLY A 348 4.71 -17.43 -23.16
C GLY A 348 3.90 -17.32 -21.88
N VAL A 349 3.65 -18.47 -21.29
CA VAL A 349 2.74 -18.57 -20.15
C VAL A 349 3.30 -17.97 -18.86
N MET A 350 4.61 -17.82 -18.79
CA MET A 350 5.22 -17.10 -17.71
C MET A 350 4.85 -15.64 -17.64
N ALA A 351 4.55 -14.99 -18.78
CA ALA A 351 4.32 -13.56 -18.82
C ALA A 351 3.18 -13.13 -17.94
N GLY A 352 3.45 -12.19 -17.05
CA GLY A 352 2.46 -11.69 -16.12
C GLY A 352 2.03 -12.62 -14.96
N SER A 353 2.49 -13.87 -14.94
CA SER A 353 2.01 -14.92 -14.02
C SER A 353 3.10 -15.36 -13.07
N THR A 354 4.35 -14.97 -13.37
CA THR A 354 5.50 -15.56 -12.77
C THR A 354 6.41 -14.52 -12.12
N THR A 355 6.69 -14.74 -10.84
CA THR A 355 7.64 -13.93 -10.04
C THR A 355 8.90 -14.74 -9.91
N ALA A 356 10.03 -14.24 -10.40
CA ALA A 356 11.23 -15.04 -10.42
C ALA A 356 12.58 -14.28 -10.48
N LYS A 357 13.60 -14.99 -10.04
CA LYS A 357 14.98 -14.54 -10.01
C LYS A 357 15.86 -15.53 -10.83
N THR A 358 16.69 -14.97 -11.71
CA THR A 358 17.66 -15.70 -12.58
C THR A 358 19.01 -15.79 -11.92
N GLY A 359 19.77 -16.82 -12.29
CA GLY A 359 21.16 -16.88 -11.98
C GLY A 359 22.01 -17.46 -13.09
N SER A 360 23.25 -16.96 -13.20
CA SER A 360 24.19 -17.38 -14.22
C SER A 360 25.58 -17.30 -13.67
N VAL A 361 26.20 -18.43 -13.47
CA VAL A 361 27.66 -18.48 -13.26
C VAL A 361 28.20 -19.52 -14.22
N ASN A 362 29.53 -19.65 -14.31
CA ASN A 362 30.10 -20.57 -15.27
C ASN A 362 29.46 -21.97 -15.21
N LYS A 363 29.29 -22.49 -13.98
CA LYS A 363 28.86 -23.87 -13.76
C LYS A 363 27.36 -24.04 -13.50
N ALA A 364 26.61 -22.93 -13.49
CA ALA A 364 25.16 -23.02 -13.27
C ALA A 364 24.28 -21.93 -13.90
N LYS A 365 23.11 -22.37 -14.33
CA LYS A 365 21.99 -21.49 -14.76
C LYS A 365 20.82 -21.87 -13.89
N THR A 366 20.22 -20.85 -13.27
CA THR A 366 19.20 -21.10 -12.28
C THR A 366 18.03 -20.12 -12.41
N LEU A 367 16.90 -20.56 -11.90
CA LEU A 367 15.67 -19.81 -11.80
C LEU A 367 14.93 -20.25 -10.59
N MET A 368 14.36 -19.34 -9.81
CA MET A 368 13.42 -19.74 -8.77
C MET A 368 12.42 -18.60 -8.55
N GLY A 369 11.27 -18.98 -8.03
CA GLY A 369 10.18 -18.07 -7.71
C GLY A 369 8.84 -18.72 -7.53
N SER A 370 7.80 -18.03 -8.04
CA SER A 370 6.44 -18.52 -7.88
C SER A 370 5.73 -18.40 -9.21
N VAL A 371 4.99 -19.41 -9.59
CA VAL A 371 4.15 -19.32 -10.78
C VAL A 371 2.72 -19.29 -10.30
N SER A 372 1.92 -18.38 -10.85
CA SER A 372 0.50 -18.26 -10.52
C SER A 372 -0.31 -19.01 -11.62
N THR A 373 -1.02 -20.04 -11.22
CA THR A 373 -1.76 -20.95 -12.12
C THR A 373 -3.21 -20.97 -11.73
N LYS A 374 -4.02 -21.63 -12.55
CA LYS A 374 -5.42 -21.80 -12.26
C LYS A 374 -5.62 -22.70 -11.08
N ASN A 375 -4.62 -23.52 -10.76
CA ASN A 375 -4.63 -24.34 -9.55
C ASN A 375 -4.05 -23.69 -8.29
N GLY A 376 -3.56 -22.45 -8.39
CA GLY A 376 -3.00 -21.70 -7.26
C GLY A 376 -1.58 -21.23 -7.56
N GLU A 377 -0.97 -20.57 -6.59
CA GLU A 377 0.45 -20.24 -6.66
C GLU A 377 1.31 -21.43 -6.30
N ILE A 378 2.41 -21.60 -7.04
CA ILE A 378 3.33 -22.72 -6.83
C ILE A 378 4.75 -22.18 -6.77
N TYR A 379 5.43 -22.41 -5.64
CA TYR A 379 6.86 -22.20 -5.50
C TYR A 379 7.63 -23.20 -6.35
N PHE A 380 8.65 -22.73 -7.04
CA PHE A 380 9.50 -23.62 -7.85
C PHE A 380 11.01 -23.17 -7.78
N ALA A 381 11.91 -24.11 -8.01
CA ALA A 381 13.29 -23.87 -8.29
C ALA A 381 13.77 -24.87 -9.34
N VAL A 382 14.47 -24.37 -10.36
CA VAL A 382 15.20 -25.21 -11.28
C VAL A 382 16.69 -24.84 -11.23
N LEU A 383 17.53 -25.84 -10.99
CA LEU A 383 18.98 -25.68 -10.97
C LEU A 383 19.58 -26.50 -12.08
N MET A 384 20.14 -25.81 -13.09
CA MET A 384 20.90 -26.40 -14.18
C MET A 384 22.41 -26.32 -13.98
N HIS A 385 23.08 -27.31 -14.54
CA HIS A 385 24.50 -27.34 -14.69
C HIS A 385 24.82 -26.74 -16.04
N THR A 386 25.88 -25.95 -16.09
CA THR A 386 26.47 -25.47 -17.34
C THR A 386 28.01 -25.55 -17.27
N ASP A 387 28.68 -25.35 -18.40
CA ASP A 387 30.14 -25.19 -18.50
C ASP A 387 30.46 -24.04 -19.46
N TYR A 388 29.92 -22.86 -19.14
CA TYR A 388 30.01 -21.62 -19.94
C TYR A 388 31.43 -21.12 -20.24
N ASP A 389 32.36 -21.36 -19.33
CA ASP A 389 33.80 -21.15 -19.61
C ASP A 389 34.29 -21.99 -20.79
N LYS A 390 33.85 -23.25 -20.86
CA LYS A 390 34.19 -24.16 -21.98
C LYS A 390 33.33 -23.92 -23.21
N SER A 391 32.04 -23.66 -23.00
CA SER A 391 31.05 -23.64 -24.09
C SER A 391 30.13 -22.43 -23.88
N ARG A 392 30.32 -21.41 -24.70
CA ARG A 392 29.53 -20.19 -24.57
C ARG A 392 28.03 -20.34 -24.80
N SER A 393 27.64 -21.32 -25.58
CA SER A 393 26.25 -21.54 -25.92
C SER A 393 25.39 -22.02 -24.75
N ASP A 394 26.03 -22.60 -23.71
CA ASP A 394 25.31 -23.28 -22.59
C ASP A 394 24.35 -22.39 -21.87
N TRP A 395 24.65 -21.09 -21.67
CA TRP A 395 23.76 -20.22 -20.85
C TRP A 395 22.36 -20.04 -21.48
N GLY A 396 22.35 -19.75 -22.79
CA GLY A 396 21.11 -19.59 -23.57
C GLY A 396 20.36 -20.90 -23.78
N VAL A 397 21.09 -21.99 -23.98
CA VAL A 397 20.50 -23.34 -24.10
C VAL A 397 19.91 -23.75 -22.76
N ALA A 398 20.66 -23.51 -21.67
CA ALA A 398 20.13 -23.81 -20.35
C ALA A 398 18.89 -22.98 -20.03
N SER A 399 18.97 -21.71 -20.35
CA SER A 399 17.91 -20.80 -20.07
C SER A 399 16.60 -21.26 -20.76
N GLN A 400 16.67 -21.67 -22.03
CA GLN A 400 15.51 -22.19 -22.78
C GLN A 400 14.96 -23.50 -22.17
N GLN A 401 15.84 -24.40 -21.74
CA GLN A 401 15.37 -25.59 -21.05
C GLN A 401 14.64 -25.27 -19.73
N ILE A 402 15.10 -24.25 -18.98
CA ILE A 402 14.42 -23.82 -17.77
C ILE A 402 13.06 -23.26 -18.09
N LYS A 403 12.98 -22.41 -19.12
CA LYS A 403 11.68 -21.83 -19.46
C LYS A 403 10.69 -22.94 -19.85
N ASN A 404 11.14 -23.87 -20.66
CA ASN A 404 10.27 -25.04 -21.05
C ASN A 404 9.84 -25.88 -19.86
N LYS A 405 10.75 -26.07 -18.90
CA LYS A 405 10.37 -26.76 -17.65
C LYS A 405 9.32 -26.05 -16.81
N VAL A 406 9.46 -24.72 -16.66
CA VAL A 406 8.52 -23.91 -15.91
C VAL A 406 7.22 -23.75 -16.68
N SER A 407 7.28 -23.58 -18.00
CA SER A 407 6.07 -23.57 -18.81
C SER A 407 5.27 -24.85 -18.65
N GLN A 408 5.95 -25.99 -18.60
CA GLN A 408 5.26 -27.28 -18.30
C GLN A 408 4.64 -27.27 -16.90
N LEU A 409 5.38 -26.80 -15.91
CA LEU A 409 4.79 -26.70 -14.56
C LEU A 409 3.47 -25.84 -14.56
N ILE A 410 3.50 -24.71 -15.24
CA ILE A 410 2.31 -23.90 -15.37
C ILE A 410 1.21 -24.64 -16.18
N ASN A 411 1.55 -25.09 -17.40
CA ASN A 411 0.56 -25.62 -18.33
C ASN A 411 -0.11 -26.89 -17.87
N GLN A 412 0.56 -27.64 -17.00
CA GLN A 412 -0.01 -28.86 -16.43
C GLN A 412 -0.63 -28.69 -15.06
N ASN A 413 -0.61 -27.46 -14.55
CA ASN A 413 -1.43 -27.02 -13.42
C ASN A 413 -2.57 -26.06 -13.77
N GLY A 414 -3.08 -26.22 -14.96
CA GLY A 414 -4.31 -25.56 -15.37
C GLY A 414 -4.06 -24.31 -16.17
N GLY A 415 -2.80 -23.94 -16.39
CA GLY A 415 -2.45 -22.76 -17.20
C GLY A 415 -2.28 -21.58 -16.30
N PRO A 416 -1.80 -20.47 -16.85
CA PRO A 416 -1.44 -19.29 -16.06
C PRO A 416 -2.63 -18.54 -15.54
N LYS A 417 -2.48 -17.94 -14.37
CA LYS A 417 -3.47 -16.98 -13.84
C LYS A 417 -2.70 -15.71 -13.54
N ALA A 418 -3.07 -14.62 -14.19
CA ALA A 418 -2.36 -13.36 -13.97
C ALA A 418 -2.29 -12.97 -12.49
N ILE A 419 -1.14 -12.48 -12.03
CA ILE A 419 -1.10 -11.75 -10.76
C ILE A 419 -1.47 -10.27 -10.93
N LYS A 420 -1.92 -9.66 -9.84
CA LYS A 420 -2.25 -8.25 -9.81
C LYS A 420 -0.89 -7.53 -9.65
N TYR A 421 -0.36 -6.94 -10.71
CA TYR A 421 0.93 -6.28 -10.63
C TYR A 421 1.08 -5.27 -11.78
N THR A 422 1.51 -4.06 -11.43
CA THR A 422 1.87 -3.05 -12.38
C THR A 422 3.32 -2.65 -12.12
N GLU A 423 4.09 -2.58 -13.21
CA GLU A 423 5.53 -2.36 -13.18
C GLU A 423 5.82 -1.22 -12.22
N GLN A 424 6.61 -1.46 -11.20
CA GLN A 424 7.06 -0.42 -10.28
C GLN A 424 8.41 0.11 -10.78
N LEU A 425 8.75 1.32 -10.40
CA LEU A 425 10.06 1.86 -10.73
C LEU A 425 10.90 1.86 -9.47
N PRO A 426 11.86 0.96 -9.33
CA PRO A 426 12.54 0.87 -8.02
C PRO A 426 13.68 1.88 -7.79
N LEU A 427 13.31 3.16 -7.76
CA LEU A 427 14.30 4.21 -7.52
C LEU A 427 14.83 4.13 -6.05
N PRO A 428 16.10 4.53 -5.85
CA PRO A 428 16.69 4.49 -4.54
C PRO A 428 16.11 5.55 -3.57
N PHE A 429 15.22 6.42 -4.03
CA PHE A 429 14.61 7.44 -3.15
C PHE A 429 13.13 7.43 -3.43
N ASP A 430 12.34 8.01 -2.53
CA ASP A 430 10.91 8.26 -2.78
C ASP A 430 10.56 9.63 -2.20
N LYS A 431 9.27 9.94 -2.08
CA LYS A 431 8.84 11.25 -1.60
C LYS A 431 9.11 11.58 -0.13
N TYR A 432 9.65 10.64 0.63
CA TYR A 432 10.10 10.91 2.00
C TYR A 432 11.62 10.97 2.09
N SER A 433 12.28 10.99 0.94
CA SER A 433 13.72 11.00 0.91
C SER A 433 14.29 12.43 0.95
N TYR A 434 13.46 13.43 0.80
CA TYR A 434 13.92 14.81 0.73
C TYR A 434 14.78 15.18 1.93
N LEU A 435 15.81 15.98 1.73
CA LEU A 435 16.62 16.43 2.86
C LEU A 435 15.73 17.12 3.86
N THR A 436 15.75 16.65 5.12
CA THR A 436 14.88 17.16 6.16
C THR A 436 15.69 17.46 7.42
N LYS A 437 15.42 18.59 8.05
CA LYS A 437 16.15 18.99 9.25
C LYS A 437 15.64 18.17 10.40
N ALA A 438 16.43 17.19 10.84
CA ALA A 438 16.09 16.35 11.98
C ALA A 438 16.71 16.89 13.27
N MET B 38 -5.15 31.77 0.46
CA MET B 38 -5.97 32.72 1.24
C MET B 38 -6.80 31.86 2.21
N VAL B 39 -6.37 31.82 3.46
CA VAL B 39 -7.05 31.06 4.53
C VAL B 39 -7.69 32.09 5.45
N TYR B 40 -8.99 31.95 5.68
CA TYR B 40 -9.70 32.71 6.72
C TYR B 40 -10.95 31.94 7.18
N LEU B 41 -11.40 32.27 8.38
CA LEU B 41 -12.64 31.69 8.90
C LEU B 41 -13.85 32.12 8.08
N ASN B 42 -14.69 31.16 7.63
CA ASN B 42 -16.03 31.52 7.18
C ASN B 42 -16.97 31.59 8.39
N SER B 43 -17.06 30.51 9.18
CA SER B 43 -17.93 30.47 10.30
C SER B 43 -17.55 29.38 11.27
N MET B 44 -17.77 29.64 12.53
CA MET B 44 -17.67 28.67 13.57
C MET B 44 -18.89 28.79 14.44
N CYS B 45 -19.45 27.62 14.83
CA CYS B 45 -20.56 27.61 15.73
C CYS B 45 -20.52 26.33 16.62
N HIS B 46 -21.26 26.38 17.70
CA HIS B 46 -21.36 25.23 18.57
C HIS B 46 -22.66 25.20 19.32
N MET B 47 -22.92 24.11 20.06
CA MET B 47 -23.96 24.04 21.02
C MET B 47 -23.70 22.90 21.98
N ALA B 48 -23.90 23.15 23.26
CA ALA B 48 -23.81 22.11 24.27
C ALA B 48 -24.91 21.08 24.05
N ALA B 49 -24.54 19.81 24.09
CA ALA B 49 -25.53 18.69 23.97
C ALA B 49 -26.69 18.78 24.92
N ASN B 50 -26.44 19.29 26.12
CA ASN B 50 -27.42 19.46 27.15
C ASN B 50 -28.15 20.82 27.19
N SER B 51 -28.18 21.56 26.10
CA SER B 51 -28.79 22.90 26.10
C SER B 51 -30.29 22.77 26.24
N LYS B 52 -30.85 23.51 27.20
CA LYS B 52 -32.31 23.60 27.35
C LYS B 52 -32.93 24.61 26.38
N THR B 53 -32.22 25.70 26.08
CA THR B 53 -32.66 26.65 25.05
C THR B 53 -32.58 26.04 23.63
N GLN B 54 -31.65 25.12 23.40
CA GLN B 54 -31.32 24.62 22.05
C GLN B 54 -30.96 25.75 21.06
N GLN B 55 -30.34 26.82 21.54
CA GLN B 55 -29.98 27.94 20.67
C GLN B 55 -28.52 27.75 20.29
N ILE B 56 -28.25 27.79 18.99
CA ILE B 56 -26.92 27.59 18.52
C ILE B 56 -26.12 28.83 18.68
N GLN B 57 -24.90 28.68 19.17
CA GLN B 57 -24.01 29.78 19.50
C GLN B 57 -22.96 29.86 18.40
N GLY B 58 -22.55 31.07 18.04
CA GLY B 58 -21.56 31.24 17.00
C GLY B 58 -21.46 32.67 16.48
N ASP B 59 -20.55 32.86 15.51
CA ASP B 59 -20.29 34.15 14.97
C ASP B 59 -21.43 34.52 14.05
N ASP B 60 -21.31 35.72 13.49
CA ASP B 60 -22.39 36.28 12.70
C ASP B 60 -22.58 35.67 11.35
N ASN B 61 -21.67 34.78 10.92
CA ASN B 61 -21.80 34.10 9.68
C ASN B 61 -22.42 32.72 9.83
N LYS B 62 -22.90 32.36 11.01
CA LYS B 62 -23.36 30.97 11.23
C LYS B 62 -24.66 30.58 10.50
N ASP B 63 -25.35 31.56 9.96
CA ASP B 63 -26.52 31.31 9.12
C ASP B 63 -26.31 31.65 7.63
N ASP B 64 -25.05 31.63 7.15
CA ASP B 64 -24.75 31.83 5.70
C ASP B 64 -24.19 30.51 5.16
N LYS B 65 -24.48 30.19 3.92
CA LYS B 65 -24.04 28.94 3.34
C LYS B 65 -22.57 28.98 2.88
N PHE B 66 -21.82 27.91 3.18
CA PHE B 66 -20.45 27.79 2.71
C PHE B 66 -20.24 26.36 2.20
N PRO B 67 -19.20 26.15 1.37
CA PRO B 67 -18.87 24.77 0.98
C PRO B 67 -18.47 23.92 2.14
N LEU B 68 -18.96 22.68 2.12
CA LEU B 68 -18.80 21.73 3.21
C LEU B 68 -17.71 20.73 2.99
N ALA B 69 -17.43 20.41 1.74
CA ALA B 69 -16.59 19.30 1.38
C ALA B 69 -17.12 18.04 2.06
N ALA B 70 -16.25 17.13 2.50
CA ALA B 70 -16.69 15.82 3.04
C ALA B 70 -17.42 15.79 4.36
N ILE B 71 -17.63 16.93 5.04
CA ILE B 71 -18.55 16.88 6.18
C ILE B 71 -19.98 16.68 5.65
N SER B 72 -20.17 16.86 4.36
CA SER B 72 -21.38 16.42 3.73
C SER B 72 -21.71 14.96 4.04
N LYS B 73 -20.68 14.12 4.15
CA LYS B 73 -20.86 12.70 4.44
C LYS B 73 -21.58 12.46 5.73
N VAL B 74 -21.48 13.45 6.66
CA VAL B 74 -22.20 13.30 7.95
C VAL B 74 -23.71 13.55 7.74
N VAL B 75 -24.04 14.47 6.83
CA VAL B 75 -25.46 14.69 6.52
C VAL B 75 -26.04 13.44 5.84
N THR B 76 -25.28 12.92 4.90
CA THR B 76 -25.68 11.66 4.21
C THR B 76 -25.86 10.48 5.22
N THR B 77 -25.00 10.49 6.22
CA THR B 77 -25.08 9.56 7.36
C THR B 77 -26.36 9.65 8.09
N LEU B 78 -26.72 10.87 8.49
CA LEU B 78 -27.95 11.13 9.17
C LEU B 78 -29.16 10.57 8.33
N TRP B 79 -29.19 10.98 7.08
CA TRP B 79 -30.26 10.47 6.19
C TRP B 79 -30.37 8.94 6.16
N ALA B 80 -29.24 8.27 5.96
CA ALA B 80 -29.19 6.84 5.91
C ALA B 80 -29.68 6.19 7.19
N VAL B 81 -29.26 6.75 8.34
CA VAL B 81 -29.67 6.26 9.66
C VAL B 81 -31.17 6.37 9.85
N ASP B 82 -31.68 7.52 9.49
CA ASP B 82 -33.12 7.72 9.63
C ASP B 82 -33.92 6.84 8.69
N ARG B 83 -33.47 6.73 7.46
CA ARG B 83 -34.25 5.97 6.44
C ARG B 83 -34.16 4.45 6.62
N LEU B 84 -32.97 3.97 6.96
CA LEU B 84 -32.64 2.54 6.97
C LEU B 84 -32.53 1.96 8.39
N GLY B 85 -32.05 2.78 9.35
CA GLY B 85 -31.69 2.32 10.69
C GLY B 85 -30.21 1.88 10.74
N PRO B 86 -29.52 2.10 11.89
CA PRO B 86 -28.10 1.75 12.00
C PRO B 86 -27.79 0.26 11.96
N ASP B 87 -28.78 -0.60 12.20
CA ASP B 87 -28.58 -2.07 12.11
C ASP B 87 -29.03 -2.67 10.79
N TYR B 88 -29.34 -1.83 9.82
CA TYR B 88 -29.78 -2.29 8.54
C TYR B 88 -28.68 -3.06 7.84
N ARG B 89 -29.01 -4.18 7.16
CA ARG B 89 -28.01 -4.90 6.37
C ARG B 89 -28.43 -5.00 4.90
N PHE B 90 -27.47 -4.84 4.01
CA PHE B 90 -27.74 -5.01 2.59
C PHE B 90 -27.64 -6.51 2.23
N LYS B 91 -28.72 -7.05 1.66
CA LYS B 91 -28.88 -8.50 1.49
C LYS B 91 -28.64 -8.88 0.04
N THR B 92 -27.39 -9.14 -0.33
CA THR B 92 -27.07 -9.52 -1.70
C THR B 92 -27.40 -11.00 -1.84
N LYS B 93 -28.11 -11.36 -2.91
CA LYS B 93 -28.53 -12.77 -3.12
C LYS B 93 -27.77 -13.39 -4.28
N LEU B 94 -27.34 -14.61 -4.09
CA LEU B 94 -26.69 -15.42 -5.12
C LEU B 94 -27.66 -16.54 -5.43
N HIS B 95 -28.02 -16.66 -6.69
CA HIS B 95 -28.84 -17.77 -7.17
C HIS B 95 -27.92 -18.75 -7.87
N VAL B 96 -27.86 -19.98 -7.34
CA VAL B 96 -26.81 -20.90 -7.66
C VAL B 96 -27.43 -22.18 -8.23
N THR B 97 -27.06 -22.49 -9.47
CA THR B 97 -27.56 -23.65 -10.16
C THR B 97 -26.40 -24.54 -10.61
N PRO B 98 -26.40 -25.82 -10.21
CA PRO B 98 -25.46 -26.83 -10.73
C PRO B 98 -25.56 -26.99 -12.23
N THR B 99 -24.40 -27.20 -12.87
CA THR B 99 -24.38 -27.54 -14.29
C THR B 99 -24.05 -29.03 -14.42
N ALA B 100 -24.46 -29.62 -15.54
CA ALA B 100 -24.16 -31.04 -15.87
C ALA B 100 -22.65 -31.38 -15.75
N ASN B 101 -21.82 -30.41 -16.12
CA ASN B 101 -20.36 -30.42 -15.96
C ASN B 101 -19.90 -30.94 -14.60
N GLY B 102 -20.45 -30.39 -13.52
CA GLY B 102 -19.88 -30.49 -12.15
C GLY B 102 -19.72 -29.11 -11.48
N SER B 103 -19.85 -28.04 -12.26
CA SER B 103 -19.61 -26.68 -11.82
C SER B 103 -20.97 -25.96 -11.62
N TYR B 104 -20.99 -24.61 -11.64
CA TYR B 104 -22.16 -23.81 -11.27
C TYR B 104 -22.37 -22.61 -12.18
N ASP B 105 -23.64 -22.27 -12.42
CA ASP B 105 -24.04 -20.95 -12.87
C ASP B 105 -24.51 -20.17 -11.64
N ILE B 106 -24.26 -18.87 -11.66
CA ILE B 106 -24.60 -18.00 -10.50
C ILE B 106 -25.12 -16.67 -11.01
N HIS B 107 -26.29 -16.26 -10.52
CA HIS B 107 -26.84 -14.94 -10.77
C HIS B 107 -26.80 -14.15 -9.45
N ILE B 108 -26.23 -12.97 -9.51
CA ILE B 108 -26.17 -12.06 -8.35
C ILE B 108 -27.33 -11.09 -8.44
N GLU B 109 -28.26 -11.20 -7.50
CA GLU B 109 -29.35 -10.27 -7.35
C GLU B 109 -28.86 -9.24 -6.35
N GLY B 110 -28.55 -8.02 -6.81
CA GLY B 110 -27.81 -7.06 -5.97
C GLY B 110 -28.77 -6.43 -5.01
N SER B 111 -28.22 -5.82 -3.96
CA SER B 111 -29.01 -5.07 -2.97
C SER B 111 -28.58 -3.59 -2.94
N ARG B 112 -27.82 -3.12 -3.92
CA ARG B 112 -27.25 -1.76 -3.90
C ARG B 112 -26.40 -1.43 -2.67
N ASP B 113 -25.78 -2.47 -2.13
CA ASP B 113 -24.79 -2.34 -1.08
C ASP B 113 -23.73 -1.36 -1.64
N PRO B 114 -23.56 -0.19 -0.98
CA PRO B 114 -22.61 0.83 -1.45
C PRO B 114 -21.16 0.57 -1.00
N LEU B 115 -20.90 -0.53 -0.30
CA LEU B 115 -19.56 -0.90 0.08
C LEU B 115 -19.24 -2.32 -0.33
N PHE B 116 -19.30 -2.58 -1.62
CA PHE B 116 -18.95 -3.91 -2.15
C PHE B 116 -17.69 -3.70 -3.00
N GLY B 117 -16.57 -3.79 -2.34
CA GLY B 117 -15.28 -3.46 -2.94
C GLY B 117 -14.35 -4.64 -2.81
N ARG B 118 -13.08 -4.35 -2.69
CA ARG B 118 -12.10 -5.34 -2.70
C ARG B 118 -12.19 -6.31 -1.51
N ASN B 119 -12.43 -5.76 -0.32
CA ASN B 119 -12.50 -6.57 0.88
C ASN B 119 -13.69 -7.52 0.82
N MET B 120 -14.83 -6.98 0.45
CA MET B 120 -16.04 -7.75 0.33
C MET B 120 -15.98 -8.81 -0.80
N SER B 121 -15.29 -8.49 -1.89
CA SER B 121 -15.10 -9.45 -3.03
C SER B 121 -14.23 -10.63 -2.61
N TYR B 122 -13.17 -10.31 -1.86
CA TYR B 122 -12.31 -11.31 -1.30
C TYR B 122 -13.08 -12.22 -0.37
N PHE B 123 -13.94 -11.64 0.44
CA PHE B 123 -14.75 -12.41 1.37
C PHE B 123 -15.78 -13.30 0.63
N LEU B 124 -16.32 -12.80 -0.47
CA LEU B 124 -17.24 -13.59 -1.29
C LEU B 124 -16.51 -14.81 -1.87
N ILE B 125 -15.27 -14.60 -2.31
CA ILE B 125 -14.50 -15.67 -2.91
C ILE B 125 -14.19 -16.73 -1.84
N SER B 126 -13.75 -16.25 -0.68
CA SER B 126 -13.56 -17.10 0.51
C SER B 126 -14.80 -17.92 0.82
N GLU B 127 -15.95 -17.24 0.81
CA GLU B 127 -17.22 -17.90 1.06
C GLU B 127 -17.62 -18.96 0.02
N LEU B 128 -17.43 -18.63 -1.26
CA LEU B 128 -17.71 -19.56 -2.35
C LEU B 128 -16.87 -20.84 -2.19
N ASN B 129 -15.58 -20.67 -1.91
CA ASN B 129 -14.70 -21.83 -1.62
C ASN B 129 -15.19 -22.64 -0.40
N ARG B 130 -15.64 -21.98 0.66
CA ARG B 130 -16.20 -22.65 1.84
C ARG B 130 -17.46 -23.44 1.46
N MET B 131 -18.25 -22.92 0.51
CA MET B 131 -19.41 -23.64 -0.02
C MET B 131 -19.06 -24.64 -1.12
N LYS B 132 -17.77 -25.00 -1.26
CA LYS B 132 -17.30 -25.89 -2.34
C LYS B 132 -17.56 -25.41 -3.78
N ILE B 133 -17.60 -24.11 -3.99
CA ILE B 133 -17.66 -23.58 -5.35
C ILE B 133 -16.30 -22.97 -5.66
N THR B 134 -15.60 -23.55 -6.63
CA THR B 134 -14.33 -23.04 -7.19
C THR B 134 -14.39 -22.64 -8.67
N LYS B 135 -15.39 -23.12 -9.38
CA LYS B 135 -15.53 -22.93 -10.82
C LYS B 135 -16.94 -22.49 -11.09
N ILE B 136 -17.09 -21.40 -11.83
CA ILE B 136 -18.37 -20.87 -12.25
C ILE B 136 -18.37 -20.89 -13.77
N GLU B 137 -19.44 -21.39 -14.39
CA GLU B 137 -19.61 -21.28 -15.84
C GLU B 137 -20.12 -19.86 -16.16
N LYS B 138 -21.42 -19.62 -16.03
CA LYS B 138 -22.02 -18.30 -16.29
C LYS B 138 -22.22 -17.57 -14.99
N LEU B 139 -21.48 -16.48 -14.81
CA LEU B 139 -21.79 -15.53 -13.76
C LEU B 139 -22.64 -14.40 -14.38
N THR B 140 -23.79 -14.11 -13.76
CA THR B 140 -24.64 -13.01 -14.19
C THR B 140 -24.97 -12.14 -13.00
N PHE B 141 -25.35 -10.91 -13.26
CA PHE B 141 -25.62 -9.94 -12.20
C PHE B 141 -26.59 -8.92 -12.71
N ASP B 142 -27.40 -8.38 -11.81
CA ASP B 142 -28.39 -7.36 -12.19
C ASP B 142 -27.92 -5.94 -11.96
N GLU B 143 -28.81 -5.00 -12.28
CA GLU B 143 -28.52 -3.59 -12.10
C GLU B 143 -28.31 -3.10 -10.65
N ASN B 144 -28.70 -3.89 -9.65
CA ASN B 144 -28.51 -3.49 -8.25
C ASN B 144 -27.22 -4.01 -7.62
N PHE B 145 -26.45 -4.77 -8.40
CA PHE B 145 -25.17 -5.22 -7.95
C PHE B 145 -24.14 -4.10 -8.21
N LEU B 146 -23.80 -3.34 -7.16
CA LEU B 146 -22.83 -2.23 -7.27
C LEU B 146 -21.45 -2.74 -6.81
N LEU B 147 -20.41 -2.33 -7.50
CA LEU B 147 -19.07 -2.75 -7.19
C LEU B 147 -18.11 -1.55 -7.11
N ALA B 148 -17.44 -1.39 -5.97
CA ALA B 148 -16.58 -0.23 -5.75
C ALA B 148 -15.17 -0.47 -6.23
N VAL B 167 -27.91 2.64 -17.29
CA VAL B 167 -28.12 1.30 -16.70
C VAL B 167 -27.24 0.26 -17.42
N GLU B 168 -27.41 0.14 -18.74
CA GLU B 168 -26.51 -0.70 -19.53
C GLU B 168 -25.06 -0.28 -19.35
N GLN B 169 -24.81 1.02 -19.35
CA GLN B 169 -23.45 1.56 -19.30
C GLN B 169 -22.86 1.39 -17.92
N GLN B 170 -23.67 1.54 -16.88
CA GLN B 170 -23.20 1.30 -15.49
C GLN B 170 -22.82 -0.16 -15.35
N ALA B 171 -23.68 -1.03 -15.89
CA ALA B 171 -23.49 -2.47 -15.79
C ALA B 171 -22.29 -2.95 -16.55
N SER B 172 -22.01 -2.32 -17.69
CA SER B 172 -20.77 -2.54 -18.47
C SER B 172 -19.50 -2.36 -17.63
N ILE B 173 -19.51 -1.38 -16.75
CA ILE B 173 -18.34 -1.03 -15.93
C ILE B 173 -18.18 -2.04 -14.81
N VAL B 174 -19.29 -2.42 -14.20
CA VAL B 174 -19.31 -3.49 -13.19
C VAL B 174 -18.83 -4.81 -13.82
N ARG B 175 -19.31 -5.15 -15.01
CA ARG B 175 -18.88 -6.37 -15.70
C ARG B 175 -17.38 -6.38 -15.94
N ALA B 176 -16.88 -5.32 -16.53
CA ALA B 176 -15.43 -5.14 -16.79
C ALA B 176 -14.65 -5.38 -15.51
N THR B 177 -15.03 -4.67 -14.45
CA THR B 177 -14.37 -4.74 -13.14
C THR B 177 -14.38 -6.15 -12.55
N LEU B 178 -15.54 -6.79 -12.66
CA LEU B 178 -15.72 -8.16 -12.19
C LEU B 178 -14.79 -9.10 -12.95
N THR B 179 -14.72 -8.95 -14.28
CA THR B 179 -13.96 -9.84 -15.15
C THR B 179 -12.43 -9.76 -14.93
N SER B 180 -11.91 -8.54 -14.74
CA SER B 180 -10.50 -8.32 -14.34
C SER B 180 -10.26 -8.93 -12.97
N SER B 181 -11.03 -8.48 -12.00
CA SER B 181 -10.92 -8.95 -10.61
C SER B 181 -10.95 -10.45 -10.40
N PHE B 182 -11.93 -11.14 -10.98
CA PHE B 182 -12.08 -12.60 -10.74
C PHE B 182 -11.09 -13.43 -11.55
N ALA B 183 -10.49 -12.83 -12.57
CA ALA B 183 -9.47 -13.49 -13.38
C ALA B 183 -8.02 -13.23 -12.87
N THR B 184 -7.86 -12.59 -11.71
CA THR B 184 -6.55 -12.25 -11.16
C THR B 184 -6.35 -12.97 -9.87
N ALA B 185 -5.16 -13.53 -9.67
CA ALA B 185 -4.86 -14.15 -8.38
C ALA B 185 -5.06 -13.15 -7.26
N ILE B 186 -5.58 -13.63 -6.15
CA ILE B 186 -5.77 -12.82 -4.96
C ILE B 186 -4.36 -12.58 -4.41
N SER B 187 -4.12 -11.37 -3.95
CA SER B 187 -2.79 -10.96 -3.55
C SER B 187 -2.60 -11.54 -2.14
N PRO B 188 -1.53 -12.32 -1.87
CA PRO B 188 -1.44 -12.90 -0.53
C PRO B 188 -1.22 -11.92 0.59
N GLY B 189 -0.44 -10.84 0.36
CA GLY B 189 -0.19 -9.84 1.38
C GLY B 189 -1.49 -9.13 1.74
N TYR B 190 -2.21 -8.65 0.75
CA TYR B 190 -3.48 -7.99 1.07
C TYR B 190 -4.47 -8.97 1.76
N TYR B 191 -4.65 -10.16 1.19
CA TYR B 191 -5.58 -11.12 1.79
C TYR B 191 -5.17 -11.53 3.21
N THR B 192 -3.88 -11.68 3.44
CA THR B 192 -3.40 -12.02 4.78
C THR B 192 -3.75 -10.95 5.81
N ILE B 193 -3.58 -9.67 5.46
CA ILE B 193 -3.93 -8.58 6.35
C ILE B 193 -5.44 -8.58 6.58
N LEU B 194 -6.20 -8.84 5.55
CA LEU B 194 -7.66 -8.86 5.67
C LEU B 194 -8.18 -10.04 6.53
N LYS B 195 -7.63 -11.21 6.30
CA LYS B 195 -7.94 -12.43 7.09
C LYS B 195 -7.63 -12.23 8.59
N THR B 196 -6.57 -11.47 8.89
CA THR B 196 -6.17 -11.23 10.23
C THR B 196 -7.16 -10.25 10.89
N LYS B 197 -7.58 -9.23 10.17
CA LYS B 197 -8.58 -8.30 10.70
C LYS B 197 -9.91 -9.03 10.96
N ALA B 198 -10.33 -9.86 10.01
CA ALA B 198 -11.57 -10.63 10.13
C ALA B 198 -11.56 -11.53 11.35
N ALA B 199 -10.44 -12.23 11.59
CA ALA B 199 -10.30 -13.09 12.79
C ALA B 199 -10.46 -12.30 14.09
N ARG B 200 -10.03 -11.04 14.10
CA ARG B 200 -10.25 -10.17 15.25
C ARG B 200 -11.75 -9.90 15.57
N ILE B 201 -12.62 -9.99 14.58
CA ILE B 201 -14.04 -9.86 14.87
C ILE B 201 -14.70 -11.21 14.76
N GLY B 202 -13.89 -12.27 14.91
CA GLY B 202 -14.40 -13.62 14.89
C GLY B 202 -15.03 -14.02 13.58
N VAL B 203 -14.49 -13.57 12.44
CA VAL B 203 -14.92 -14.08 11.09
C VAL B 203 -13.83 -14.98 10.48
N GLN B 204 -14.23 -16.16 10.04
CA GLN B 204 -13.29 -17.17 9.51
C GLN B 204 -13.27 -17.01 8.00
N MET B 205 -12.08 -17.08 7.39
CA MET B 205 -11.88 -16.92 5.94
C MET B 205 -11.02 -18.06 5.43
N SER B 206 -11.18 -18.39 4.16
CA SER B 206 -10.57 -19.59 3.60
C SER B 206 -9.09 -19.32 3.35
N ASN B 207 -8.32 -20.39 3.25
CA ASN B 207 -6.90 -20.30 2.95
C ASN B 207 -6.71 -20.21 1.43
N ARG B 208 -5.85 -19.30 1.00
CA ARG B 208 -5.51 -19.10 -0.42
C ARG B 208 -6.69 -19.35 -1.39
N PRO B 209 -7.74 -18.56 -1.24
CA PRO B 209 -8.91 -18.90 -2.00
C PRO B 209 -8.72 -18.51 -3.45
N LYS B 210 -9.56 -19.10 -4.30
CA LYS B 210 -9.49 -18.83 -5.72
C LYS B 210 -10.81 -19.19 -6.42
N ILE B 211 -10.95 -18.61 -7.61
CA ILE B 211 -12.13 -18.77 -8.42
C ILE B 211 -11.75 -18.69 -9.89
N ASP B 212 -12.45 -19.47 -10.69
CA ASP B 212 -12.29 -19.45 -12.14
C ASP B 212 -13.70 -19.26 -12.71
N VAL B 213 -13.89 -18.23 -13.52
CA VAL B 213 -15.19 -17.87 -14.08
C VAL B 213 -15.07 -17.88 -15.62
N ARG B 214 -15.93 -18.65 -16.29
CA ARG B 214 -15.86 -18.70 -17.76
C ARG B 214 -16.37 -17.41 -18.39
N THR B 215 -17.63 -17.07 -18.09
CA THR B 215 -18.27 -15.87 -18.64
C THR B 215 -19.06 -15.03 -17.60
N ILE B 216 -19.02 -13.71 -17.80
CA ILE B 216 -19.63 -12.76 -16.86
C ILE B 216 -20.52 -11.82 -17.67
N SER B 217 -21.83 -11.86 -17.42
CA SER B 217 -22.82 -11.08 -18.19
C SER B 217 -23.85 -10.31 -17.38
N PHE B 218 -24.37 -9.25 -18.00
CA PHE B 218 -25.39 -8.38 -17.38
C PHE B 218 -26.77 -8.92 -17.69
N VAL B 219 -27.52 -9.28 -16.65
CA VAL B 219 -28.90 -9.73 -16.82
C VAL B 219 -29.77 -8.87 -15.88
N LYS B 220 -30.63 -8.06 -16.49
CA LYS B 220 -31.57 -7.19 -15.73
C LYS B 220 -32.52 -7.97 -14.82
N LYS B 221 -32.90 -7.36 -13.71
CA LYS B 221 -33.81 -7.98 -12.75
C LYS B 221 -35.11 -8.45 -13.43
N ALA B 222 -35.66 -7.61 -14.30
CA ALA B 222 -36.89 -7.95 -14.99
C ALA B 222 -36.75 -9.17 -15.92
N GLU B 223 -35.56 -9.41 -16.46
CA GLU B 223 -35.33 -10.50 -17.40
C GLU B 223 -34.72 -11.77 -16.78
N PHE B 224 -34.35 -11.70 -15.50
CA PHE B 224 -33.86 -12.87 -14.79
C PHE B 224 -35.01 -13.86 -14.53
N GLN B 225 -34.83 -15.09 -15.01
CA GLN B 225 -35.73 -16.18 -14.70
C GLN B 225 -35.02 -17.16 -13.81
N LYS B 226 -35.54 -17.28 -12.59
CA LYS B 226 -34.91 -18.11 -11.56
C LYS B 226 -35.14 -19.58 -11.93
N ASN B 227 -34.04 -20.30 -12.12
CA ASN B 227 -34.09 -21.72 -12.43
C ASN B 227 -34.79 -22.51 -11.31
N GLU B 228 -35.56 -23.52 -11.73
CA GLU B 228 -36.29 -24.41 -10.84
C GLU B 228 -35.40 -25.14 -9.81
N LYS B 229 -34.17 -25.48 -10.18
CA LYS B 229 -33.27 -26.13 -9.24
C LYS B 229 -32.08 -25.25 -8.86
N SER B 230 -32.32 -23.94 -8.84
CA SER B 230 -31.40 -23.00 -8.20
C SER B 230 -31.61 -23.10 -6.69
N THR B 231 -30.51 -22.97 -5.96
CA THR B 231 -30.55 -22.63 -4.56
C THR B 231 -30.32 -21.10 -4.45
N THR B 232 -30.88 -20.47 -3.42
CA THR B 232 -30.69 -19.06 -3.12
C THR B 232 -29.87 -18.92 -1.85
N MET B 233 -28.75 -18.22 -1.95
CA MET B 233 -27.91 -17.92 -0.78
C MET B 233 -27.77 -16.41 -0.60
N VAL B 234 -27.72 -15.99 0.66
CA VAL B 234 -27.73 -14.62 1.00
C VAL B 234 -26.38 -14.26 1.61
N LEU B 235 -25.86 -13.11 1.21
CA LEU B 235 -24.58 -12.61 1.69
C LEU B 235 -24.88 -11.24 2.23
N MET B 236 -25.11 -11.15 3.53
CA MET B 236 -25.53 -9.89 4.15
C MET B 236 -24.31 -9.06 4.41
N SER B 237 -24.39 -7.77 4.15
CA SER B 237 -23.39 -6.83 4.60
C SER B 237 -23.35 -6.74 6.11
N ALA B 238 -22.27 -6.16 6.58
CA ALA B 238 -22.19 -5.65 7.93
C ALA B 238 -23.29 -4.65 8.12
N PRO B 239 -23.63 -4.36 9.38
CA PRO B 239 -24.61 -3.33 9.57
C PRO B 239 -24.26 -1.94 9.03
N LEU B 240 -25.32 -1.18 8.77
CA LEU B 240 -25.14 0.12 8.13
C LEU B 240 -24.20 0.99 8.96
N LYS B 241 -24.31 0.95 10.30
CA LYS B 241 -23.46 1.79 11.18
C LYS B 241 -21.96 1.57 10.84
N THR B 242 -21.60 0.31 10.55
CA THR B 242 -20.23 -0.07 10.11
C THR B 242 -19.81 0.52 8.77
N ILE B 243 -20.73 0.45 7.82
CA ILE B 243 -20.48 1.01 6.48
C ILE B 243 -20.28 2.54 6.58
N LEU B 244 -21.09 3.19 7.43
CA LEU B 244 -20.97 4.63 7.69
C LEU B 244 -19.66 4.94 8.40
N LYS B 245 -19.27 4.08 9.34
CA LYS B 245 -17.97 4.21 10.01
C LYS B 245 -16.80 4.25 9.07
N ARG B 246 -16.80 3.29 8.15
CA ARG B 246 -15.82 3.24 7.12
C ARG B 246 -15.86 4.48 6.26
N MET B 247 -17.02 4.85 5.81
CA MET B 247 -17.16 6.07 4.96
C MET B 247 -16.61 7.33 5.60
N ASN B 248 -16.91 7.52 6.86
CA ASN B 248 -16.55 8.77 7.55
C ASN B 248 -15.13 8.74 8.14
N ASN B 249 -14.52 7.57 8.24
CA ASN B 249 -13.10 7.52 8.63
C ASN B 249 -12.25 8.19 7.56
N GLN B 250 -12.41 7.69 6.33
CA GLN B 250 -11.74 8.22 5.12
C GLN B 250 -12.29 7.51 3.92
N SER B 251 -12.72 8.25 2.93
CA SER B 251 -13.22 7.61 1.74
C SER B 251 -13.13 8.52 0.56
N ASN B 252 -13.12 7.95 -0.64
CA ASN B 252 -13.37 8.80 -1.82
C ASN B 252 -14.87 9.04 -1.90
N ASN B 253 -15.38 9.49 -3.05
CA ASN B 253 -16.79 9.88 -3.13
C ASN B 253 -17.79 8.72 -3.19
N TYR B 254 -17.28 7.49 -3.32
CA TYR B 254 -18.09 6.37 -3.85
C TYR B 254 -19.20 5.96 -2.92
N ILE B 255 -18.87 5.70 -1.64
CA ILE B 255 -19.88 5.26 -0.71
C ILE B 255 -20.95 6.33 -0.50
N ALA B 256 -20.54 7.59 -0.17
CA ALA B 256 -21.54 8.68 0.10
C ALA B 256 -22.45 8.93 -1.09
N ASP B 257 -21.85 9.13 -2.27
CA ASP B 257 -22.61 9.29 -3.53
C ASP B 257 -23.63 8.18 -3.85
N ASN B 258 -23.26 6.92 -3.64
CA ASN B 258 -24.17 5.77 -3.83
C ASN B 258 -25.26 5.66 -2.79
N LEU B 259 -24.97 6.07 -1.58
CA LEU B 259 -26.00 6.20 -0.55
C LEU B 259 -27.03 7.26 -0.89
N TYR B 260 -26.51 8.42 -1.25
CA TYR B 260 -27.34 9.56 -1.69
C TYR B 260 -28.27 9.20 -2.86
N TRP B 261 -27.71 8.54 -3.86
CA TRP B 261 -28.55 8.04 -4.97
C TRP B 261 -29.53 6.93 -4.59
N ASN B 262 -29.07 5.97 -3.78
CA ASN B 262 -29.94 4.87 -3.32
C ASN B 262 -31.15 5.43 -2.65
N LEU B 263 -30.98 6.51 -1.88
CA LEU B 263 -32.08 7.08 -1.14
C LEU B 263 -33.02 8.00 -1.95
N GLY B 264 -32.75 8.20 -3.22
CA GLY B 264 -33.61 8.97 -4.09
C GLY B 264 -32.96 10.23 -4.61
N GLY B 265 -31.70 10.50 -4.28
CA GLY B 265 -31.02 11.68 -4.80
C GLY B 265 -31.58 13.03 -4.31
N THR B 266 -31.31 14.07 -5.07
CA THR B 266 -31.56 15.42 -4.61
C THR B 266 -33.04 15.69 -4.30
N GLU B 267 -33.96 15.23 -5.15
CA GLU B 267 -35.40 15.53 -4.96
C GLU B 267 -35.90 14.86 -3.68
N ALA B 268 -35.41 13.66 -3.41
CA ALA B 268 -35.71 13.01 -2.11
C ALA B 268 -35.00 13.68 -0.96
N PHE B 269 -33.73 14.05 -1.13
CA PHE B 269 -32.97 14.73 -0.04
C PHE B 269 -33.66 16.03 0.45
N ASN B 270 -33.99 16.91 -0.49
CA ASN B 270 -34.76 18.16 -0.18
C ASN B 270 -36.09 17.93 0.52
N ALA B 271 -36.80 16.84 0.16
CA ALA B 271 -38.04 16.57 0.88
C ALA B 271 -37.70 16.10 2.32
N TYR B 272 -36.67 15.28 2.45
CA TYR B 272 -36.24 14.80 3.77
C TYR B 272 -35.87 15.95 4.70
N ILE B 273 -35.09 16.87 4.16
CA ILE B 273 -34.57 17.98 4.98
C ILE B 273 -35.71 18.95 5.37
N ALA B 274 -36.70 19.13 4.48
CA ALA B 274 -37.89 19.92 4.78
C ALA B 274 -38.77 19.26 5.85
N GLY B 275 -38.89 17.94 5.80
CA GLY B 275 -39.62 17.19 6.83
C GLY B 275 -38.86 17.09 8.15
N LYS B 276 -37.56 16.85 8.10
CA LYS B 276 -36.72 16.67 9.33
C LYS B 276 -36.44 17.97 10.04
N MET B 277 -36.04 18.98 9.29
CA MET B 277 -35.45 20.18 9.85
C MET B 277 -36.29 21.43 9.64
N GLN B 278 -37.40 21.37 8.87
CA GLN B 278 -38.10 22.58 8.42
C GLN B 278 -37.17 23.53 7.65
N ALA B 279 -36.31 22.93 6.85
CA ALA B 279 -35.22 23.61 6.20
C ALA B 279 -35.44 23.57 4.72
N ASP B 280 -34.79 24.47 4.03
CA ASP B 280 -34.91 24.44 2.56
C ASP B 280 -33.53 24.64 1.97
N THR B 281 -33.49 25.01 0.70
CA THR B 281 -32.27 25.24 -0.05
C THR B 281 -31.40 26.39 0.44
N SER B 282 -31.97 27.38 1.10
CA SER B 282 -31.22 28.50 1.71
C SER B 282 -30.45 28.05 2.96
N ASP B 283 -30.85 26.93 3.55
CA ASP B 283 -30.11 26.35 4.69
C ASP B 283 -29.04 25.34 4.23
N ILE B 284 -29.38 24.55 3.21
CA ILE B 284 -28.56 23.42 2.84
C ILE B 284 -28.91 23.01 1.39
N GLU B 285 -27.90 22.95 0.52
CA GLU B 285 -28.14 22.67 -0.89
C GLU B 285 -27.15 21.61 -1.29
N PHE B 286 -27.67 20.44 -1.57
CA PHE B 286 -26.86 19.30 -1.95
C PHE B 286 -27.06 18.95 -3.41
N HIS B 287 -25.96 18.45 -3.99
CA HIS B 287 -25.89 17.91 -5.32
C HIS B 287 -25.38 16.49 -5.34
N ASN B 288 -24.75 16.01 -4.28
CA ASN B 288 -24.28 14.67 -4.22
C ASN B 288 -24.16 14.33 -2.73
N GLY B 289 -23.80 13.09 -2.42
CA GLY B 289 -23.63 12.67 -1.03
C GLY B 289 -22.31 13.08 -0.40
N SER B 290 -21.30 13.32 -1.21
CA SER B 290 -19.92 13.35 -0.75
C SER B 290 -19.34 14.72 -0.47
N GLY B 291 -19.86 15.74 -1.18
CA GLY B 291 -19.34 17.13 -1.13
C GLY B 291 -18.28 17.51 -2.13
N ASN B 292 -17.87 16.56 -2.96
CA ASN B 292 -16.93 16.86 -4.02
C ASN B 292 -17.54 17.73 -5.08
N ASN B 293 -16.64 18.38 -5.82
CA ASN B 293 -17.00 19.29 -6.87
C ASN B 293 -17.82 18.50 -7.91
N GLU B 294 -19.05 18.96 -8.17
CA GLU B 294 -19.93 18.38 -9.18
C GLU B 294 -19.82 19.15 -10.52
N GLY B 295 -19.04 20.24 -10.54
CA GLY B 295 -18.81 21.03 -11.77
C GLY B 295 -17.40 20.91 -12.32
N SER B 296 -16.87 22.02 -12.83
CA SER B 296 -15.48 22.13 -13.26
C SER B 296 -14.69 22.96 -12.26
N VAL B 297 -13.38 23.11 -12.48
CA VAL B 297 -12.57 23.94 -11.58
C VAL B 297 -13.01 25.41 -11.69
N ALA B 298 -13.23 25.90 -12.92
CA ALA B 298 -13.66 27.29 -13.18
C ALA B 298 -15.11 27.61 -12.74
N LYS B 299 -16.06 26.70 -13.02
CA LYS B 299 -17.47 26.81 -12.56
C LYS B 299 -17.77 25.68 -11.56
N PRO B 300 -17.24 25.76 -10.32
CA PRO B 300 -17.50 24.64 -9.39
C PRO B 300 -18.92 24.61 -8.83
N VAL B 301 -19.36 23.44 -8.44
CA VAL B 301 -20.64 23.30 -7.73
C VAL B 301 -20.31 22.37 -6.56
N TYR B 302 -20.32 22.95 -5.37
CA TYR B 302 -20.11 22.25 -4.10
C TYR B 302 -21.39 22.21 -3.28
N ASN B 303 -21.67 21.12 -2.62
CA ASN B 303 -22.63 21.15 -1.48
C ASN B 303 -22.28 22.28 -0.52
N GLU B 304 -23.32 22.91 -0.01
CA GLU B 304 -23.19 24.02 0.86
C GLU B 304 -24.28 23.98 1.91
N ALA B 305 -23.95 24.51 3.09
CA ALA B 305 -24.86 24.66 4.14
C ALA B 305 -24.33 25.65 5.15
N THR B 306 -25.24 26.03 6.05
CA THR B 306 -24.89 26.92 7.18
C THR B 306 -24.27 26.12 8.28
N CYS B 307 -23.49 26.83 9.08
CA CYS B 307 -22.85 26.27 10.28
C CYS B 307 -23.95 25.76 11.23
N GLU B 308 -25.02 26.55 11.42
CA GLU B 308 -26.20 26.11 12.18
C GLU B 308 -26.79 24.76 11.69
N MET B 309 -26.92 24.61 10.39
CA MET B 309 -27.45 23.32 9.84
C MET B 309 -26.57 22.12 10.19
N MET B 310 -25.24 22.33 10.29
CA MET B 310 -24.33 21.32 10.66
C MET B 310 -24.52 20.91 12.10
N ILE B 311 -24.74 21.88 12.98
CA ILE B 311 -25.08 21.58 14.36
C ILE B 311 -26.42 20.85 14.54
N LYS B 312 -27.44 21.27 13.83
CA LYS B 312 -28.74 20.55 13.81
C LYS B 312 -28.59 19.10 13.31
N VAL B 313 -27.81 18.89 12.27
CA VAL B 313 -27.47 17.54 11.81
C VAL B 313 -26.85 16.66 12.95
N LEU B 314 -25.81 17.20 13.58
CA LEU B 314 -25.19 16.52 14.65
C LEU B 314 -26.09 16.15 15.82
N TYR B 315 -26.92 17.10 16.21
CA TYR B 315 -27.90 16.92 17.20
C TYR B 315 -28.86 15.78 16.85
N SER B 316 -29.36 15.79 15.64
CA SER B 316 -30.36 14.83 15.16
C SER B 316 -29.78 13.45 15.00
N LEU B 317 -28.52 13.41 14.51
CA LEU B 317 -27.79 12.17 14.34
C LEU B 317 -27.55 11.54 15.67
N ASP B 318 -27.10 12.34 16.63
CA ASP B 318 -26.88 11.86 18.00
C ASP B 318 -28.19 11.31 18.55
N LYS B 319 -29.29 12.02 18.35
CA LYS B 319 -30.54 11.55 18.84
C LYS B 319 -30.99 10.22 18.20
N SER B 320 -30.93 10.16 16.88
CA SER B 320 -31.37 8.94 16.16
C SER B 320 -30.52 7.74 16.57
N LEU B 321 -29.23 7.95 16.73
CA LEU B 321 -28.34 6.87 17.18
C LEU B 321 -28.61 6.41 18.60
N SER B 322 -28.80 7.36 19.54
CA SER B 322 -29.01 7.04 20.94
C SER B 322 -30.33 6.24 21.14
N ALA B 323 -31.35 6.52 20.34
CA ALA B 323 -32.59 5.70 20.26
C ALA B 323 -32.34 4.21 20.04
N LYS B 324 -31.28 3.87 19.31
CA LYS B 324 -30.83 2.49 19.09
C LYS B 324 -29.64 2.08 19.90
N GLY B 325 -29.25 2.88 20.89
CA GLY B 325 -28.16 2.52 21.78
C GLY B 325 -26.78 2.83 21.30
N TYR B 326 -26.64 3.71 20.31
CA TYR B 326 -25.35 3.94 19.66
C TYR B 326 -24.95 5.33 19.92
N ASP B 327 -23.65 5.59 19.74
CA ASP B 327 -23.10 6.91 19.79
C ASP B 327 -22.53 7.39 18.45
N LEU B 328 -22.10 8.64 18.44
CA LEU B 328 -21.57 9.26 17.27
C LEU B 328 -20.35 8.49 16.89
N SER B 329 -19.59 8.02 17.90
CA SER B 329 -18.36 7.33 17.60
C SER B 329 -18.57 5.93 16.95
N ASP B 330 -19.82 5.45 16.88
CA ASP B 330 -20.19 4.27 16.08
C ASP B 330 -20.22 4.55 14.57
N VAL B 331 -20.36 5.79 14.17
CA VAL B 331 -20.37 6.14 12.72
C VAL B 331 -19.39 7.22 12.25
N MET B 332 -18.67 7.84 13.18
CA MET B 332 -17.74 8.90 12.89
C MET B 332 -16.40 8.62 13.60
N ALA B 333 -15.33 9.21 13.06
CA ALA B 333 -13.95 8.99 13.54
C ALA B 333 -13.66 9.69 14.89
N VAL B 334 -12.86 8.99 15.70
CA VAL B 334 -12.42 9.47 16.99
C VAL B 334 -10.95 9.91 16.90
N ALA B 335 -10.69 11.17 17.23
CA ALA B 335 -9.34 11.73 17.10
C ALA B 335 -8.37 10.86 17.89
N ALA B 336 -7.28 10.51 17.22
CA ALA B 336 -6.17 9.77 17.80
C ALA B 336 -6.42 8.27 17.90
N LYS B 337 -7.66 7.85 18.01
CA LYS B 337 -7.99 6.43 18.24
C LYS B 337 -8.25 5.68 16.89
N ASP B 338 -8.93 6.31 15.95
CA ASP B 338 -9.19 5.72 14.63
C ASP B 338 -8.02 6.01 13.67
N LYS B 339 -7.03 5.10 13.66
CA LYS B 339 -5.79 5.28 12.91
C LYS B 339 -5.94 5.30 11.38
N ALA B 340 -6.94 4.65 10.84
CA ALA B 340 -7.16 4.70 9.38
C ALA B 340 -7.98 5.97 8.95
N SER B 341 -8.32 6.85 9.91
CA SER B 341 -9.10 7.99 9.58
C SER B 341 -8.23 9.19 9.37
N THR B 342 -8.87 10.21 8.85
CA THR B 342 -8.22 11.48 8.65
C THR B 342 -7.91 12.23 9.97
N VAL B 343 -8.44 11.79 11.10
CA VAL B 343 -8.12 12.38 12.39
C VAL B 343 -7.28 11.46 13.29
N GLY B 344 -6.78 10.37 12.74
CA GLY B 344 -6.00 9.42 13.51
C GLY B 344 -4.71 9.96 14.10
N SER B 345 -4.12 10.96 13.47
CA SER B 345 -2.89 11.58 13.94
C SER B 345 -3.12 12.90 14.68
N TYR B 346 -4.37 13.21 14.98
CA TYR B 346 -4.69 14.35 15.85
C TYR B 346 -4.21 13.99 17.25
N GLY B 347 -3.59 14.97 17.90
CA GLY B 347 -3.02 14.86 19.22
C GLY B 347 -3.57 16.03 20.01
N GLY B 348 -2.84 16.44 21.03
CA GLY B 348 -3.33 17.49 21.90
C GLY B 348 -4.64 17.09 22.57
N VAL B 349 -5.40 18.10 22.95
CA VAL B 349 -6.60 17.88 23.77
C VAL B 349 -7.77 17.20 23.00
N MET B 350 -7.74 17.26 21.68
CA MET B 350 -8.68 16.51 20.87
C MET B 350 -8.55 15.00 21.01
N ALA B 351 -7.34 14.48 21.27
CA ALA B 351 -7.07 13.05 21.27
C ALA B 351 -7.94 12.33 22.25
N GLY B 352 -8.64 11.33 21.76
CA GLY B 352 -9.50 10.51 22.61
C GLY B 352 -10.78 11.19 23.12
N SER B 353 -10.96 12.49 22.86
CA SER B 353 -12.08 13.29 23.41
C SER B 353 -13.04 13.74 22.32
N THR B 354 -12.62 13.62 21.05
CA THR B 354 -13.27 14.31 19.94
C THR B 354 -13.68 13.37 18.79
N THR B 355 -14.95 13.43 18.45
CA THR B 355 -15.55 12.67 17.38
C THR B 355 -15.77 13.66 16.24
N ALA B 356 -15.16 13.39 15.09
CA ALA B 356 -15.18 14.40 14.03
C ALA B 356 -14.98 13.88 12.59
N LYS B 357 -15.45 14.67 11.66
CA LYS B 357 -15.31 14.46 10.23
C LYS B 357 -14.59 15.72 9.59
N THR B 358 -13.59 15.45 8.74
CA THR B 358 -12.83 16.44 7.99
C THR B 358 -13.39 16.67 6.61
N GLY B 359 -13.13 17.85 6.07
CA GLY B 359 -13.38 18.10 4.67
C GLY B 359 -12.32 18.97 4.04
N SER B 360 -12.04 18.71 2.77
CA SER B 360 -11.05 19.46 1.96
C SER B 360 -11.54 19.55 0.55
N VAL B 361 -11.90 20.74 0.10
CA VAL B 361 -12.04 20.99 -1.36
C VAL B 361 -11.22 22.23 -1.67
N ASN B 362 -11.09 22.58 -2.93
CA ASN B 362 -10.25 23.74 -3.29
C ASN B 362 -10.55 24.99 -2.43
N LYS B 363 -11.84 25.31 -2.26
CA LYS B 363 -12.29 26.55 -1.61
C LYS B 363 -12.64 26.41 -0.11
N ALA B 364 -12.51 25.20 0.44
CA ALA B 364 -12.82 25.00 1.84
C ALA B 364 -12.06 23.86 2.56
N LYS B 365 -11.77 24.15 3.82
CA LYS B 365 -11.30 23.17 4.82
C LYS B 365 -12.28 23.20 5.96
N THR B 366 -12.80 22.02 6.32
CA THR B 366 -13.84 21.95 7.30
C THR B 366 -13.64 20.79 8.30
N LEU B 367 -14.26 20.96 9.45
CA LEU B 367 -14.28 19.99 10.54
C LEU B 367 -15.60 20.14 11.26
N MET B 368 -16.27 19.05 11.60
CA MET B 368 -17.42 19.13 12.48
C MET B 368 -17.49 17.82 13.29
N GLY B 369 -18.20 17.91 14.38
CA GLY B 369 -18.40 16.81 15.29
C GLY B 369 -18.74 17.21 16.70
N SER B 370 -18.24 16.43 17.65
CA SER B 370 -18.51 16.64 19.05
C SER B 370 -17.18 16.63 19.83
N VAL B 371 -17.01 17.55 20.75
CA VAL B 371 -15.86 17.43 21.72
C VAL B 371 -16.45 17.07 23.06
N SER B 372 -15.86 16.09 23.72
CA SER B 372 -16.20 15.76 25.10
C SER B 372 -15.29 16.56 26.07
N THR B 373 -15.89 17.41 26.89
CA THR B 373 -15.18 18.27 27.83
C THR B 373 -15.65 18.00 29.24
N LYS B 374 -14.99 18.62 30.21
CA LYS B 374 -15.39 18.54 31.59
C LYS B 374 -16.71 19.22 31.84
N ASN B 375 -17.09 20.12 30.96
CA ASN B 375 -18.43 20.72 30.98
C ASN B 375 -19.53 19.97 30.27
N GLY B 376 -19.21 18.86 29.57
CA GLY B 376 -20.18 18.09 28.76
C GLY B 376 -19.74 17.94 27.32
N GLU B 377 -20.56 17.26 26.53
CA GLU B 377 -20.32 17.11 25.15
C GLU B 377 -20.83 18.39 24.45
N ILE B 378 -20.06 18.84 23.47
CA ILE B 378 -20.36 20.07 22.71
C ILE B 378 -20.24 19.77 21.23
N TYR B 379 -21.36 19.95 20.52
CA TYR B 379 -21.40 19.92 19.07
C TYR B 379 -20.67 21.16 18.51
N PHE B 380 -19.88 20.98 17.46
CA PHE B 380 -19.19 22.11 16.84
C PHE B 380 -19.09 21.92 15.31
N ALA B 381 -18.90 23.02 14.60
CA ALA B 381 -18.51 23.05 13.23
C ALA B 381 -17.63 24.27 12.97
N VAL B 382 -16.53 24.07 12.26
CA VAL B 382 -15.68 25.15 11.78
C VAL B 382 -15.56 25.04 10.30
N LEU B 383 -15.93 26.12 9.61
CA LEU B 383 -15.87 26.20 8.18
C LEU B 383 -14.88 27.24 7.78
N MET B 384 -13.74 26.80 7.22
CA MET B 384 -12.71 27.67 6.67
C MET B 384 -12.80 27.83 5.18
N HIS B 385 -12.36 28.99 4.72
CA HIS B 385 -12.13 29.30 3.34
C HIS B 385 -10.70 28.95 3.02
N THR B 386 -10.47 28.35 1.86
CA THR B 386 -9.14 28.18 1.27
C THR B 386 -9.14 28.53 -0.23
N ASP B 387 -7.95 28.62 -0.82
CA ASP B 387 -7.78 28.74 -2.27
C ASP B 387 -6.64 27.79 -2.72
N TYR B 388 -6.82 26.50 -2.43
CA TYR B 388 -5.81 25.44 -2.68
C TYR B 388 -5.35 25.26 -4.11
N ASP B 389 -6.24 25.53 -5.07
CA ASP B 389 -5.87 25.62 -6.49
C ASP B 389 -4.81 26.69 -6.74
N LYS B 390 -4.95 27.85 -6.07
CA LYS B 390 -3.98 28.95 -6.17
C LYS B 390 -2.77 28.75 -5.24
N SER B 391 -3.01 28.25 -4.03
CA SER B 391 -1.98 28.17 -2.99
C SER B 391 -2.04 26.78 -2.31
N ARG B 392 -1.10 25.91 -2.62
CA ARG B 392 -1.09 24.55 -2.08
C ARG B 392 -0.98 24.47 -0.55
N SER B 393 -0.36 25.47 0.05
CA SER B 393 -0.13 25.47 1.49
C SER B 393 -1.41 25.62 2.33
N ASP B 394 -2.48 26.19 1.73
CA ASP B 394 -3.69 26.58 2.45
C ASP B 394 -4.33 25.44 3.23
N TRP B 395 -4.31 24.21 2.73
CA TRP B 395 -5.03 23.07 3.40
C TRP B 395 -4.44 22.74 4.77
N GLY B 396 -3.11 22.62 4.82
CA GLY B 396 -2.39 22.39 6.08
C GLY B 396 -2.43 23.57 7.05
N VAL B 397 -2.39 24.80 6.51
CA VAL B 397 -2.47 26.03 7.33
C VAL B 397 -3.89 26.14 7.87
N ALA B 398 -4.87 25.91 7.02
CA ALA B 398 -6.25 25.92 7.49
C ALA B 398 -6.50 24.84 8.56
N SER B 399 -6.00 23.64 8.28
CA SER B 399 -6.19 22.54 9.18
C SER B 399 -5.64 22.84 10.57
N GLN B 400 -4.43 23.41 10.66
CA GLN B 400 -3.84 23.86 11.95
C GLN B 400 -4.66 24.95 12.64
N GLN B 401 -5.16 25.92 11.88
CA GLN B 401 -6.06 26.93 12.50
C GLN B 401 -7.36 26.29 13.06
N ILE B 402 -7.89 25.26 12.39
CA ILE B 402 -9.09 24.59 12.90
C ILE B 402 -8.75 23.86 14.19
N LYS B 403 -7.64 23.14 14.20
CA LYS B 403 -7.26 22.40 15.43
C LYS B 403 -7.10 23.35 16.61
N ASN B 404 -6.42 24.46 16.40
CA ASN B 404 -6.29 25.49 17.44
C ASN B 404 -7.64 26.05 17.87
N LYS B 405 -8.55 26.28 16.93
CA LYS B 405 -9.88 26.71 17.31
C LYS B 405 -10.64 25.73 18.19
N VAL B 406 -10.61 24.45 17.82
CA VAL B 406 -11.30 23.39 18.55
C VAL B 406 -10.59 23.12 19.85
N SER B 407 -9.25 23.17 19.87
CA SER B 407 -8.52 23.09 21.16
C SER B 407 -8.93 24.19 22.12
N GLN B 408 -9.18 25.40 21.63
CA GLN B 408 -9.67 26.49 22.50
C GLN B 408 -11.08 26.21 22.97
N LEU B 409 -11.93 25.72 22.10
CA LEU B 409 -13.30 25.34 22.54
C LEU B 409 -13.23 24.28 23.68
N ILE B 410 -12.35 23.32 23.52
CA ILE B 410 -12.16 22.31 24.63
C ILE B 410 -11.53 22.93 25.88
N ASN B 411 -10.38 23.58 25.71
CA ASN B 411 -9.63 24.10 26.86
C ASN B 411 -10.34 25.18 27.68
N GLN B 412 -11.28 25.90 27.05
CA GLN B 412 -12.03 26.94 27.75
C GLN B 412 -13.40 26.43 28.20
N ASN B 413 -13.71 25.17 27.93
CA ASN B 413 -14.81 24.43 28.59
C ASN B 413 -14.37 23.35 29.59
N GLY B 414 -13.25 23.61 30.24
CA GLY B 414 -12.82 22.82 31.37
C GLY B 414 -11.80 21.77 31.00
N GLY B 415 -11.44 21.65 29.73
CA GLY B 415 -10.45 20.65 29.28
C GLY B 415 -11.17 19.39 28.83
N PRO B 416 -10.44 18.44 28.25
CA PRO B 416 -11.00 17.25 27.64
C PRO B 416 -11.48 16.23 28.65
N LYS B 417 -12.53 15.50 28.31
CA LYS B 417 -12.96 14.32 29.09
C LYS B 417 -12.98 13.19 28.09
N ALA B 418 -12.20 12.16 28.33
CA ALA B 418 -12.13 10.99 27.43
C ALA B 418 -13.55 10.38 27.20
N ILE B 419 -13.84 10.04 25.95
CA ILE B 419 -15.03 9.16 25.67
C ILE B 419 -14.65 7.67 25.83
N LYS B 420 -15.67 6.85 26.08
CA LYS B 420 -15.47 5.42 26.16
C LYS B 420 -15.40 4.97 24.71
N TYR B 421 -14.21 4.61 24.21
CA TYR B 421 -14.11 4.14 22.84
C TYR B 421 -12.84 3.34 22.64
N THR B 422 -12.96 2.21 21.97
CA THR B 422 -11.85 1.44 21.49
C THR B 422 -12.01 1.31 19.97
N GLU B 423 -10.88 1.51 19.28
CA GLU B 423 -10.82 1.51 17.82
C GLU B 423 -11.57 0.30 17.26
N GLN B 424 -12.58 0.54 16.45
CA GLN B 424 -13.31 -0.53 15.78
C GLN B 424 -12.68 -0.77 14.40
N LEU B 425 -12.87 -1.94 13.84
CA LEU B 425 -12.38 -2.23 12.48
C LEU B 425 -13.56 -2.29 11.57
N PRO B 426 -13.78 -1.26 10.74
CA PRO B 426 -15.06 -1.24 9.98
C PRO B 426 -15.06 -2.07 8.68
N LEU B 427 -14.96 -3.39 8.85
CA LEU B 427 -15.00 -4.30 7.70
C LEU B 427 -16.40 -4.32 7.07
N PRO B 428 -16.47 -4.58 5.76
CA PRO B 428 -17.77 -4.60 5.10
C PRO B 428 -18.63 -5.84 5.43
N PHE B 429 -18.08 -6.80 6.16
CA PHE B 429 -18.81 -8.02 6.56
C PHE B 429 -18.55 -8.23 8.03
N ASP B 430 -19.39 -9.05 8.67
CA ASP B 430 -19.18 -9.46 10.04
C ASP B 430 -19.59 -10.92 10.11
N LYS B 431 -19.73 -11.42 11.33
CA LYS B 431 -20.05 -12.88 11.53
C LYS B 431 -21.43 -13.35 11.12
N TYR B 432 -22.30 -12.45 10.66
CA TYR B 432 -23.60 -12.84 10.08
C TYR B 432 -23.59 -12.66 8.57
N SER B 433 -22.42 -12.40 8.00
CA SER B 433 -22.31 -12.16 6.57
C SER B 433 -22.05 -13.44 5.80
N TYR B 434 -21.78 -14.55 6.48
CA TYR B 434 -21.52 -15.83 5.81
C TYR B 434 -22.63 -16.19 4.80
N LEU B 435 -22.28 -16.79 3.68
CA LEU B 435 -23.28 -17.24 2.74
C LEU B 435 -24.20 -18.20 3.45
N THR B 436 -25.51 -17.89 3.45
CA THR B 436 -26.50 -18.72 4.13
C THR B 436 -27.65 -19.05 3.22
N LYS B 437 -28.13 -20.28 3.28
CA LYS B 437 -29.25 -20.71 2.43
C LYS B 437 -30.53 -20.14 2.99
N ALA B 438 -31.06 -19.11 2.34
CA ALA B 438 -32.33 -18.48 2.70
C ALA B 438 -33.50 -19.07 1.93
#